data_7H92
#
_entry.id   7H92
#
_cell.length_a   87.401
_cell.length_b   87.401
_cell.length_c   85.712
_cell.angle_alpha   90.00
_cell.angle_beta   90.00
_cell.angle_gamma   120.00
#
_symmetry.space_group_name_H-M   'P 31'
#
loop_
_entity.id
_entity.type
_entity.pdbx_description
1 polymer 'Non-structural protein 3'
2 non-polymer 'DIMETHYL SULFOXIDE'
3 non-polymer 2-AMINO-2-HYDROXYMETHYL-PROPANE-1,3-DIOL
4 non-polymer 'CHLORIDE ION'
5 non-polymer 2-AMINOTHIAZOLE
6 water water
#
_entity_poly.entity_id   1
_entity_poly.type   'polypeptide(L)'
_entity_poly.pdbx_seq_one_letter_code
;GAMAPSYRVKRMDIAKNDEECVVNAANPRGLPGDGVCKAVYKKWPESFKNSATPVGTAKTVMCGTYPVIHAVGPNFSNYT
ESEGDRELAAAYREVAKEVTRLGVNSVAIPLLSTGVYSGGKDRLTQSLNHLFTAMDSTDADVVIYCRDKEWEKKISEAIQ
MRT
;
_entity_poly.pdbx_strand_id   A,B,C,D
#
loop_
_chem_comp.id
_chem_comp.type
_chem_comp.name
_chem_comp.formula
AMT non-polymer 2-AMINOTHIAZOLE 'C3 H4 N2 S'
CL non-polymer 'CHLORIDE ION' 'Cl -1'
DMS non-polymer 'DIMETHYL SULFOXIDE' 'C2 H6 O S'
TRS non-polymer 2-AMINO-2-HYDROXYMETHYL-PROPANE-1,3-DIOL 'C4 H12 N O3 1'
#
# COMPACT_ATOMS: atom_id res chain seq x y z
N GLY A 1 -24.07 1.96 3.96
CA GLY A 1 -24.31 3.32 4.57
C GLY A 1 -23.76 3.41 5.98
N ALA A 2 -23.51 4.61 6.52
CA ALA A 2 -23.11 4.78 7.93
C ALA A 2 -24.31 4.54 8.83
N MET A 3 -24.14 4.03 10.06
CA MET A 3 -25.29 3.71 10.97
C MET A 3 -26.11 4.97 11.30
N ALA A 4 -25.44 6.10 11.46
CA ALA A 4 -26.07 7.39 11.79
C ALA A 4 -25.34 8.48 11.03
N PRO A 5 -25.61 8.61 9.71
CA PRO A 5 -24.83 9.51 8.86
C PRO A 5 -24.63 10.91 9.47
N SER A 6 -23.40 11.41 9.46
CA SER A 6 -22.98 12.64 10.18
C SER A 6 -22.15 13.53 9.27
N TYR A 7 -22.03 14.78 9.66
CA TYR A 7 -21.01 15.72 9.18
C TYR A 7 -20.03 16.02 10.32
N ARG A 8 -18.75 16.10 9.98
CA ARG A 8 -17.69 16.51 10.92
C ARG A 8 -16.72 17.41 10.17
N VAL A 9 -15.91 18.16 10.90
CA VAL A 9 -14.86 19.00 10.28
C VAL A 9 -13.56 18.73 11.00
N LYS A 10 -12.48 18.63 10.26
CA LYS A 10 -11.12 18.53 10.89
C LYS A 10 -10.17 19.50 10.23
N ARG A 11 -9.26 20.05 11.03
CA ARG A 11 -8.25 21.01 10.55
C ARG A 11 -6.92 20.27 10.43
N MET A 12 -6.68 19.73 9.23
CA MET A 12 -5.48 18.90 8.97
C MET A 12 -5.43 18.61 7.46
N ASP A 13 -4.31 18.10 7.03
CA ASP A 13 -4.06 17.66 5.63
C ASP A 13 -4.99 16.50 5.27
N ILE A 14 -5.82 16.74 4.24
CA ILE A 14 -6.79 15.71 3.69
C ILE A 14 -6.02 14.47 3.17
N ALA A 15 -4.73 14.59 2.81
CA ALA A 15 -3.86 13.43 2.47
C ALA A 15 -3.67 12.44 3.65
N LYS A 16 -3.99 12.82 4.89
CA LYS A 16 -3.89 12.00 6.10
C LYS A 16 -5.31 11.61 6.60
N ASN A 17 -6.34 11.63 5.73
CA ASN A 17 -7.73 11.38 6.19
C ASN A 17 -7.89 9.93 6.69
N ASP A 18 -8.95 9.71 7.46
CA ASP A 18 -9.34 8.40 8.04
C ASP A 18 -10.65 7.94 7.41
N GLU A 19 -10.92 8.28 6.13
CA GLU A 19 -12.19 7.93 5.47
C GLU A 19 -11.94 6.91 4.35
N GLU A 20 -13.00 6.36 3.78
CA GLU A 20 -12.91 5.24 2.81
C GLU A 20 -12.61 5.77 1.41
N CYS A 21 -12.68 7.09 1.18
CA CYS A 21 -12.32 7.71 -0.10
C CYS A 21 -12.09 9.19 0.11
N VAL A 22 -11.49 9.82 -0.89
CA VAL A 22 -11.08 11.25 -0.83
C VAL A 22 -11.59 11.97 -2.04
N VAL A 23 -12.01 13.23 -1.86
CA VAL A 23 -12.33 14.14 -2.99
C VAL A 23 -11.12 15.07 -3.16
N ASN A 24 -10.60 15.11 -4.36
CA ASN A 24 -9.50 16.02 -4.72
C ASN A 24 -10.14 17.29 -5.26
N ALA A 25 -9.67 18.45 -4.80
CA ALA A 25 -10.01 19.73 -5.47
C ALA A 25 -9.12 19.89 -6.69
N ALA A 26 -9.53 19.26 -7.78
CA ALA A 26 -8.74 19.04 -9.00
C ALA A 26 -8.77 20.25 -9.92
N ASN A 27 -7.81 20.24 -10.87
CA ASN A 27 -7.88 21.11 -12.06
C ASN A 27 -8.43 20.30 -13.20
N PRO A 28 -8.94 20.94 -14.26
CA PRO A 28 -9.56 20.19 -15.36
C PRO A 28 -8.60 19.30 -16.17
N ARG A 29 -7.30 19.54 -16.05
CA ARG A 29 -6.30 18.89 -16.92
C ARG A 29 -5.65 17.72 -16.23
N GLY A 30 -6.03 17.40 -14.99
CA GLY A 30 -5.37 16.27 -14.30
C GLY A 30 -3.94 16.56 -13.94
N LEU A 31 -3.55 17.84 -13.77
CA LEU A 31 -2.17 18.22 -13.42
C LEU A 31 -1.97 18.17 -11.93
N PRO A 32 -0.73 17.96 -11.43
CA PRO A 32 -0.44 17.96 -10.00
C PRO A 32 -0.90 19.23 -9.27
N GLY A 33 -0.85 20.40 -9.91
CA GLY A 33 -1.43 21.63 -9.32
C GLY A 33 -0.75 22.08 -8.04
N ASP A 34 -1.45 22.80 -7.16
CA ASP A 34 -0.92 23.13 -5.81
C ASP A 34 -2.04 23.03 -4.76
N GLY A 35 -1.70 23.30 -3.50
CA GLY A 35 -2.65 23.19 -2.38
C GLY A 35 -3.09 21.74 -2.16
N VAL A 36 -4.40 21.53 -1.94
CA VAL A 36 -5.01 20.17 -1.78
C VAL A 36 -4.56 19.29 -2.96
N CYS A 37 -4.61 19.79 -4.19
CA CYS A 37 -4.38 18.94 -5.38
C CYS A 37 -2.93 18.41 -5.34
N LYS A 38 -1.96 19.23 -4.93
CA LYS A 38 -0.54 18.77 -4.87
C LYS A 38 -0.34 17.76 -3.71
N ALA A 39 -1.02 17.92 -2.58
CA ALA A 39 -0.90 16.95 -1.46
C ALA A 39 -1.47 15.62 -1.93
N VAL A 40 -2.57 15.70 -2.68
CA VAL A 40 -3.31 14.51 -3.17
C VAL A 40 -2.38 13.86 -4.21
N TYR A 41 -1.70 14.65 -5.05
CA TYR A 41 -0.78 14.07 -6.05
C TYR A 41 0.38 13.31 -5.39
N LYS A 42 0.93 13.84 -4.29
CA LYS A 42 2.07 13.21 -3.56
C LYS A 42 1.61 11.89 -2.93
N LYS A 43 0.40 11.84 -2.38
CA LYS A 43 -0.12 10.67 -1.60
C LYS A 43 -0.64 9.59 -2.56
N TRP A 44 -1.31 9.98 -3.64
CA TRP A 44 -2.01 9.05 -4.55
C TRP A 44 -1.67 9.37 -6.00
N PRO A 45 -0.39 9.39 -6.42
CA PRO A 45 -0.07 9.81 -7.79
C PRO A 45 -0.67 8.91 -8.88
N GLU A 46 -0.89 7.63 -8.59
CA GLU A 46 -1.46 6.64 -9.54
C GLU A 46 -2.89 7.06 -9.91
N SER A 47 -3.55 7.88 -9.07
CA SER A 47 -4.96 8.28 -9.30
C SER A 47 -5.04 9.40 -10.33
N PHE A 48 -3.90 9.88 -10.84
CA PHE A 48 -3.93 10.97 -11.84
C PHE A 48 -3.82 10.44 -13.29
N LYS A 49 -3.86 9.12 -13.46
CA LYS A 49 -3.97 8.49 -14.81
C LYS A 49 -5.35 8.80 -15.41
N ASN A 50 -5.39 9.60 -16.48
CA ASN A 50 -6.66 9.93 -17.18
C ASN A 50 -7.69 10.48 -16.18
N SER A 51 -7.23 11.40 -15.32
CA SER A 51 -8.13 12.12 -14.36
C SER A 51 -8.69 13.44 -14.92
N ALA A 52 -8.22 13.93 -16.04
CA ALA A 52 -8.74 15.16 -16.66
C ALA A 52 -10.23 15.05 -16.91
N THR A 53 -10.97 16.10 -16.55
CA THR A 53 -12.44 16.15 -16.62
C THR A 53 -12.84 17.61 -16.60
N PRO A 54 -13.98 17.97 -17.21
CA PRO A 54 -14.37 19.37 -17.31
C PRO A 54 -14.79 20.00 -15.99
N VAL A 55 -14.89 21.32 -16.01
CA VAL A 55 -15.41 22.07 -14.83
C VAL A 55 -16.84 21.58 -14.56
N GLY A 56 -17.17 21.48 -13.27
CA GLY A 56 -18.54 21.10 -12.86
C GLY A 56 -18.76 19.59 -12.83
N THR A 57 -17.73 18.78 -13.05
CA THR A 57 -17.80 17.30 -13.07
C THR A 57 -16.85 16.70 -12.04
N ALA A 58 -17.02 15.38 -11.84
CA ALA A 58 -16.14 14.58 -10.99
C ALA A 58 -15.84 13.29 -11.71
N LYS A 59 -14.61 12.88 -11.61
CA LYS A 59 -14.11 11.65 -12.24
C LYS A 59 -13.34 10.88 -11.19
N THR A 60 -13.69 9.60 -10.97
CA THR A 60 -13.03 8.79 -9.94
C THR A 60 -11.96 7.92 -10.61
N VAL A 61 -10.78 7.88 -10.02
CA VAL A 61 -9.67 6.98 -10.41
C VAL A 61 -9.17 6.30 -9.15
N MET A 62 -8.99 4.98 -9.23
N MET A 62 -9.03 4.97 -9.22
CA MET A 62 -8.55 4.14 -8.10
CA MET A 62 -8.57 4.14 -8.08
C MET A 62 -7.04 4.27 -7.93
C MET A 62 -7.05 4.28 -7.92
N CYS A 63 -6.59 4.35 -6.68
CA CYS A 63 -5.16 4.19 -6.29
C CYS A 63 -5.14 2.88 -5.49
N GLY A 64 -4.76 1.77 -6.11
CA GLY A 64 -5.00 0.47 -5.47
C GLY A 64 -6.48 0.20 -5.45
N THR A 65 -7.08 0.03 -4.28
CA THR A 65 -8.51 -0.04 -4.09
C THR A 65 -9.06 1.24 -3.43
N TYR A 66 -8.26 2.27 -3.25
CA TYR A 66 -8.68 3.52 -2.55
C TYR A 66 -9.19 4.49 -3.61
N PRO A 67 -10.48 4.89 -3.61
CA PRO A 67 -10.99 5.79 -4.64
C PRO A 67 -10.64 7.27 -4.39
N VAL A 68 -10.12 7.91 -5.45
CA VAL A 68 -9.85 9.37 -5.48
C VAL A 68 -10.87 9.96 -6.44
N ILE A 69 -11.74 10.82 -5.93
CA ILE A 69 -12.82 11.45 -6.72
C ILE A 69 -12.28 12.86 -7.10
N HIS A 70 -11.87 13.04 -8.34
CA HIS A 70 -11.39 14.35 -8.84
C HIS A 70 -12.55 15.26 -9.18
N ALA A 71 -12.82 16.29 -8.36
CA ALA A 71 -13.96 17.22 -8.50
C ALA A 71 -13.42 18.59 -8.91
N VAL A 72 -13.87 19.04 -10.07
CA VAL A 72 -13.36 20.31 -10.69
C VAL A 72 -14.34 21.48 -10.46
N GLY A 73 -14.05 22.25 -9.42
CA GLY A 73 -14.74 23.52 -9.14
C GLY A 73 -14.29 24.58 -10.14
N PRO A 74 -15.15 25.58 -10.40
CA PRO A 74 -14.81 26.71 -11.26
C PRO A 74 -13.75 27.62 -10.62
N ASN A 75 -12.89 28.17 -11.49
CA ASN A 75 -11.98 29.27 -11.05
C ASN A 75 -12.72 30.60 -11.21
N PHE A 76 -13.11 31.25 -10.13
CA PHE A 76 -13.93 32.49 -10.12
C PHE A 76 -13.13 33.67 -10.72
N SER A 77 -11.84 33.49 -10.94
CA SER A 77 -11.07 34.48 -11.78
C SER A 77 -11.63 34.52 -13.20
N ASN A 78 -12.19 33.41 -13.71
CA ASN A 78 -12.57 33.28 -15.13
C ASN A 78 -14.06 33.28 -15.35
N TYR A 79 -14.81 32.75 -14.39
CA TYR A 79 -16.28 32.64 -14.46
C TYR A 79 -16.90 33.91 -13.87
N THR A 80 -18.05 34.29 -14.37
CA THR A 80 -18.95 35.26 -13.69
C THR A 80 -19.42 34.68 -12.36
N GLU A 81 -19.83 35.51 -11.40
CA GLU A 81 -20.39 35.03 -10.10
C GLU A 81 -21.52 34.03 -10.39
N SER A 82 -22.40 34.33 -11.32
CA SER A 82 -23.60 33.54 -11.66
C SER A 82 -23.20 32.17 -12.24
N GLU A 83 -22.35 32.16 -13.26
CA GLU A 83 -22.00 30.89 -13.93
C GLU A 83 -21.13 30.06 -12.99
N GLY A 84 -20.25 30.70 -12.27
CA GLY A 84 -19.37 30.04 -11.29
C GLY A 84 -20.20 29.37 -10.21
N ASP A 85 -21.21 30.07 -9.71
CA ASP A 85 -22.08 29.50 -8.66
C ASP A 85 -22.74 28.24 -9.22
N ARG A 86 -23.27 28.25 -10.45
CA ARG A 86 -23.91 27.08 -11.09
C ARG A 86 -22.90 25.91 -11.23
N GLU A 87 -21.66 26.19 -11.64
CA GLU A 87 -20.68 25.11 -11.87
C GLU A 87 -20.23 24.56 -10.50
N LEU A 88 -20.16 25.37 -9.45
CA LEU A 88 -19.72 24.92 -8.12
C LEU A 88 -20.79 23.98 -7.53
N ALA A 89 -22.05 24.35 -7.62
CA ALA A 89 -23.18 23.46 -7.26
C ALA A 89 -23.08 22.15 -8.04
N ALA A 90 -22.85 22.21 -9.37
CA ALA A 90 -22.86 21.01 -10.20
C ALA A 90 -21.72 20.07 -9.77
N ALA A 91 -20.50 20.58 -9.54
CA ALA A 91 -19.37 19.72 -9.14
C ALA A 91 -19.76 18.89 -7.90
N TYR A 92 -20.36 19.54 -6.89
CA TYR A 92 -20.76 18.80 -5.67
C TYR A 92 -21.86 17.77 -5.99
N ARG A 93 -22.82 18.08 -6.86
CA ARG A 93 -23.85 17.07 -7.23
C ARG A 93 -23.13 15.84 -7.82
N GLU A 94 -22.10 16.02 -8.66
CA GLU A 94 -21.38 14.88 -9.28
C GLU A 94 -20.60 14.12 -8.19
N VAL A 95 -20.07 14.78 -7.17
CA VAL A 95 -19.39 14.09 -6.06
C VAL A 95 -20.42 13.18 -5.37
N ALA A 96 -21.61 13.68 -5.09
CA ALA A 96 -22.66 12.85 -4.41
C ALA A 96 -22.95 11.59 -5.24
N LYS A 97 -23.04 11.70 -6.57
CA LYS A 97 -23.30 10.54 -7.45
C LYS A 97 -22.16 9.53 -7.32
N GLU A 98 -20.91 9.99 -7.36
CA GLU A 98 -19.75 9.09 -7.24
C GLU A 98 -19.71 8.42 -5.87
N VAL A 99 -19.89 9.17 -4.79
CA VAL A 99 -19.84 8.62 -3.43
C VAL A 99 -20.90 7.49 -3.34
N THR A 100 -22.07 7.77 -3.90
CA THR A 100 -23.19 6.77 -3.89
C THR A 100 -22.80 5.53 -4.67
N ARG A 101 -22.33 5.70 -5.90
CA ARG A 101 -21.94 4.60 -6.82
C ARG A 101 -20.88 3.71 -6.15
N LEU A 102 -19.92 4.28 -5.43
CA LEU A 102 -18.76 3.58 -4.88
C LEU A 102 -19.19 2.71 -3.68
N GLY A 103 -20.31 3.04 -3.06
CA GLY A 103 -20.86 2.30 -1.91
C GLY A 103 -20.03 2.48 -0.64
N VAL A 104 -19.24 3.57 -0.55
CA VAL A 104 -18.39 3.84 0.63
C VAL A 104 -19.28 4.24 1.83
N ASN A 105 -18.80 4.06 3.04
CA ASN A 105 -19.51 4.50 4.25
C ASN A 105 -18.97 5.84 4.74
N SER A 106 -17.91 6.37 4.14
CA SER A 106 -17.32 7.66 4.60
C SER A 106 -16.54 8.30 3.44
N VAL A 107 -16.41 9.61 3.47
CA VAL A 107 -15.70 10.38 2.40
C VAL A 107 -15.05 11.58 3.06
N ALA A 108 -13.82 11.89 2.68
CA ALA A 108 -13.07 13.11 3.05
C ALA A 108 -13.26 14.14 1.92
N ILE A 109 -13.68 15.36 2.26
N ILE A 109 -13.78 15.34 2.24
CA ILE A 109 -14.01 16.39 1.21
CA ILE A 109 -14.07 16.40 1.23
C ILE A 109 -13.50 17.76 1.61
C ILE A 109 -13.39 17.70 1.63
N PRO A 110 -12.80 18.46 0.68
CA PRO A 110 -12.40 19.85 0.90
C PRO A 110 -13.50 20.79 0.41
N LEU A 111 -13.44 22.10 0.77
CA LEU A 111 -14.42 23.08 0.24
C LEU A 111 -13.92 23.56 -1.12
N LEU A 112 -14.58 23.11 -2.17
CA LEU A 112 -14.21 23.44 -3.57
C LEU A 112 -14.28 24.94 -3.78
N SER A 113 -13.34 25.42 -4.62
CA SER A 113 -13.30 26.83 -5.10
C SER A 113 -13.07 27.82 -3.94
N THR A 114 -12.49 27.43 -2.81
CA THR A 114 -12.27 28.37 -1.65
C THR A 114 -10.82 28.85 -1.57
N GLY A 115 -9.91 28.30 -2.36
CA GLY A 115 -8.46 28.57 -2.28
C GLY A 115 -8.04 29.39 -3.49
N VAL A 116 -7.12 28.88 -4.32
CA VAL A 116 -6.64 29.68 -5.49
C VAL A 116 -7.73 29.83 -6.56
N TYR A 117 -8.89 29.13 -6.48
CA TYR A 117 -9.99 29.29 -7.45
C TYR A 117 -11.07 30.24 -6.92
N SER A 118 -10.82 30.92 -5.78
CA SER A 118 -11.83 31.77 -5.08
C SER A 118 -11.97 33.15 -5.74
N GLY A 119 -11.10 33.50 -6.69
CA GLY A 119 -11.11 34.85 -7.29
C GLY A 119 -10.96 35.91 -6.21
N GLY A 120 -10.23 35.58 -5.14
CA GLY A 120 -9.86 36.50 -4.04
C GLY A 120 -10.99 36.75 -3.03
N LYS A 121 -12.09 35.99 -3.08
CA LYS A 121 -13.27 36.21 -2.20
C LYS A 121 -13.38 35.06 -1.18
N ASP A 122 -13.96 35.36 -0.04
CA ASP A 122 -14.32 34.39 1.03
C ASP A 122 -15.55 33.65 0.54
N ARG A 123 -15.42 32.35 0.24
CA ARG A 123 -16.55 31.56 -0.31
C ARG A 123 -16.83 30.39 0.66
N LEU A 124 -16.49 30.50 1.94
CA LEU A 124 -16.78 29.41 2.92
C LEU A 124 -18.26 29.05 2.83
N THR A 125 -19.16 29.99 3.11
CA THR A 125 -20.62 29.74 3.19
C THR A 125 -21.15 29.26 1.86
N GLN A 126 -20.75 29.88 0.74
CA GLN A 126 -21.25 29.51 -0.60
C GLN A 126 -20.90 28.03 -0.88
N SER A 127 -19.64 27.71 -0.69
CA SER A 127 -19.12 26.36 -1.04
C SER A 127 -19.72 25.31 -0.08
N LEU A 128 -19.72 25.60 1.22
CA LEU A 128 -20.30 24.64 2.22
C LEU A 128 -21.80 24.37 1.98
N ASN A 129 -22.56 25.42 1.63
CA ASN A 129 -24.02 25.26 1.38
C ASN A 129 -24.23 24.38 0.15
N HIS A 130 -23.41 24.53 -0.90
CA HIS A 130 -23.51 23.64 -2.07
C HIS A 130 -23.13 22.20 -1.70
N LEU A 131 -22.13 22.04 -0.85
CA LEU A 131 -21.72 20.71 -0.32
C LEU A 131 -22.93 20.08 0.39
N PHE A 132 -23.57 20.81 1.30
CA PHE A 132 -24.76 20.28 2.02
C PHE A 132 -25.87 19.91 1.02
N THR A 133 -26.18 20.78 0.05
CA THR A 133 -27.29 20.53 -0.90
C THR A 133 -27.11 19.16 -1.59
N ALA A 134 -25.88 18.84 -1.96
CA ALA A 134 -25.51 17.61 -2.70
C ALA A 134 -25.49 16.40 -1.76
N MET A 135 -24.84 16.53 -0.60
CA MET A 135 -24.50 15.39 0.24
C MET A 135 -25.62 15.06 1.23
N ASP A 136 -26.57 15.97 1.46
CA ASP A 136 -27.60 15.71 2.49
C ASP A 136 -28.37 14.43 2.19
N SER A 137 -28.58 14.08 0.93
CA SER A 137 -29.39 12.89 0.57
C SER A 137 -28.53 11.62 0.53
N THR A 138 -27.20 11.72 0.75
CA THR A 138 -26.31 10.53 0.82
C THR A 138 -26.25 10.03 2.26
N ASP A 139 -25.91 8.76 2.47
CA ASP A 139 -25.77 8.20 3.83
C ASP A 139 -24.32 7.90 4.19
N ALA A 140 -23.34 8.48 3.48
CA ALA A 140 -21.93 8.41 3.92
C ALA A 140 -21.64 9.37 5.08
N ASP A 141 -20.79 9.00 6.03
CA ASP A 141 -20.17 9.96 6.99
C ASP A 141 -19.32 10.93 6.16
N VAL A 142 -19.58 12.23 6.28
CA VAL A 142 -18.80 13.25 5.53
C VAL A 142 -17.86 13.95 6.50
N VAL A 143 -16.59 13.98 6.19
CA VAL A 143 -15.56 14.65 7.01
C VAL A 143 -14.94 15.74 6.14
N ILE A 144 -15.21 16.98 6.51
CA ILE A 144 -14.73 18.19 5.78
C ILE A 144 -13.35 18.53 6.31
N TYR A 145 -12.39 18.79 5.42
CA TYR A 145 -10.99 19.10 5.80
C TYR A 145 -10.74 20.56 5.45
N CYS A 146 -10.11 21.28 6.37
CA CYS A 146 -9.70 22.68 6.19
C CYS A 146 -8.33 22.91 6.84
N ARG A 147 -7.74 24.08 6.63
CA ARG A 147 -6.39 24.37 7.17
C ARG A 147 -6.42 25.54 8.15
N ASP A 148 -7.41 26.41 8.09
CA ASP A 148 -7.46 27.67 8.88
C ASP A 148 -8.25 27.46 10.18
N LYS A 149 -7.76 27.95 11.32
CA LYS A 149 -8.45 27.80 12.63
C LYS A 149 -9.82 28.49 12.65
N GLU A 150 -9.91 29.70 12.09
CA GLU A 150 -11.19 30.43 12.08
C GLU A 150 -12.20 29.74 11.14
N TRP A 151 -11.74 29.20 10.01
CA TRP A 151 -12.62 28.37 9.14
C TRP A 151 -13.15 27.13 9.86
N GLU A 152 -12.31 26.43 10.62
CA GLU A 152 -12.71 25.23 11.38
C GLU A 152 -13.90 25.60 12.28
N LYS A 153 -13.79 26.74 12.98
CA LYS A 153 -14.83 27.18 13.95
C LYS A 153 -16.11 27.48 13.18
N LYS A 154 -16.03 28.19 12.06
CA LYS A 154 -17.22 28.56 11.26
C LYS A 154 -17.88 27.34 10.64
N ILE A 155 -17.08 26.42 10.12
CA ILE A 155 -17.65 25.17 9.55
C ILE A 155 -18.34 24.37 10.66
N SER A 156 -17.70 24.27 11.82
CA SER A 156 -18.25 23.50 12.95
C SER A 156 -19.58 24.13 13.37
N GLU A 157 -19.63 25.46 13.45
CA GLU A 157 -20.88 26.18 13.85
C GLU A 157 -21.99 25.89 12.84
N ALA A 158 -21.69 25.92 11.54
CA ALA A 158 -22.70 25.70 10.48
C ALA A 158 -23.23 24.26 10.60
N ILE A 159 -22.36 23.29 10.89
CA ILE A 159 -22.82 21.89 11.05
C ILE A 159 -23.76 21.84 12.27
N GLN A 160 -23.30 22.38 13.40
CA GLN A 160 -24.01 22.26 14.70
C GLN A 160 -25.37 22.95 14.59
N MET A 161 -25.48 24.03 13.79
CA MET A 161 -26.70 24.87 13.62
C MET A 161 -27.87 24.03 13.11
N ARG A 162 -27.64 23.09 12.20
CA ARG A 162 -28.70 22.20 11.63
C ARG A 162 -29.07 21.11 12.64
N THR A 163 -28.28 21.03 13.73
CA THR A 163 -28.38 20.19 14.97
C THR A 163 -27.18 19.26 14.99
N GLY B 1 -8.10 -4.06 33.58
CA GLY B 1 -6.67 -4.51 33.70
C GLY B 1 -6.35 -5.64 32.76
N ALA B 2 -5.07 -5.90 32.52
CA ALA B 2 -4.59 -7.09 31.80
C ALA B 2 -4.68 -8.28 32.76
N MET B 3 -4.97 -9.48 32.25
CA MET B 3 -5.19 -10.67 33.11
C MET B 3 -3.95 -10.92 33.97
N ALA B 4 -2.76 -10.73 33.40
CA ALA B 4 -1.47 -10.89 34.09
C ALA B 4 -0.57 -9.71 33.69
N PRO B 5 -0.75 -8.52 34.32
CA PRO B 5 -0.02 -7.33 33.89
C PRO B 5 1.47 -7.61 33.65
N SER B 6 1.99 -7.18 32.50
CA SER B 6 3.37 -7.46 32.07
C SER B 6 4.01 -6.17 31.52
N TYR B 7 5.32 -6.22 31.41
CA TYR B 7 6.16 -5.32 30.57
C TYR B 7 6.70 -6.15 29.39
N ARG B 8 6.71 -5.55 28.21
CA ARG B 8 7.39 -6.12 27.02
C ARG B 8 8.12 -5.00 26.29
N VAL B 9 9.12 -5.36 25.48
CA VAL B 9 9.82 -4.37 24.61
C VAL B 9 9.73 -4.81 23.14
N LYS B 10 9.47 -3.84 22.25
CA LYS B 10 9.40 -4.01 20.78
C LYS B 10 10.31 -2.99 20.12
N ARG B 11 11.24 -3.46 19.28
CA ARG B 11 12.11 -2.58 18.46
C ARG B 11 11.38 -2.30 17.14
N MET B 12 10.60 -1.22 17.08
CA MET B 12 9.85 -0.72 15.89
C MET B 12 9.27 0.67 16.18
N ASP B 13 8.73 1.31 15.14
CA ASP B 13 8.05 2.62 15.14
C ASP B 13 6.81 2.49 16.02
N ILE B 14 6.82 3.20 17.15
CA ILE B 14 5.67 3.23 18.09
C ILE B 14 4.39 3.68 17.37
N ALA B 15 4.52 4.35 16.21
CA ALA B 15 3.40 4.74 15.32
C ALA B 15 2.54 3.54 14.85
N LYS B 16 3.16 2.35 14.82
CA LYS B 16 2.53 1.06 14.45
C LYS B 16 2.39 0.18 15.69
N ASN B 17 1.93 0.77 16.82
CA ASN B 17 1.67 0.01 18.08
C ASN B 17 0.38 -0.80 17.90
N ASP B 18 0.34 -2.01 18.47
CA ASP B 18 -0.90 -2.83 18.53
C ASP B 18 -1.57 -2.64 19.91
N GLU B 19 -1.26 -1.57 20.63
CA GLU B 19 -1.76 -1.39 22.03
C GLU B 19 -2.97 -0.48 22.00
N GLU B 20 -3.66 -0.33 23.13
CA GLU B 20 -4.94 0.38 23.26
C GLU B 20 -4.77 1.89 23.35
N CYS B 21 -3.54 2.37 23.58
CA CYS B 21 -3.22 3.82 23.56
C CYS B 21 -1.70 3.98 23.41
N VAL B 22 -1.29 5.23 23.10
CA VAL B 22 0.14 5.56 22.88
C VAL B 22 0.52 6.81 23.72
N VAL B 23 1.78 6.74 24.16
CA VAL B 23 2.46 7.89 24.80
C VAL B 23 3.38 8.50 23.74
N ASN B 24 3.14 9.75 23.47
CA ASN B 24 4.05 10.60 22.66
C ASN B 24 5.14 11.20 23.57
N ALA B 25 6.37 11.15 23.10
CA ALA B 25 7.49 11.91 23.71
C ALA B 25 7.37 13.33 23.17
N ALA B 26 6.50 14.13 23.75
CA ALA B 26 6.05 15.44 23.21
C ALA B 26 7.01 16.59 23.57
N ASN B 27 6.91 17.67 22.82
CA ASN B 27 7.48 18.96 23.28
C ASN B 27 6.39 19.78 23.95
N PRO B 28 6.73 20.81 24.73
CA PRO B 28 5.74 21.58 25.48
C PRO B 28 4.73 22.38 24.63
N ARG B 29 5.02 22.61 23.35
CA ARG B 29 4.24 23.58 22.54
C ARG B 29 3.33 22.81 21.61
N GLY B 30 3.35 21.48 21.63
CA GLY B 30 2.58 20.62 20.71
C GLY B 30 2.99 20.79 19.25
N LEU B 31 4.28 20.97 19.00
CA LEU B 31 4.84 20.97 17.63
C LEU B 31 5.20 19.56 17.17
N PRO B 32 5.38 19.32 15.85
CA PRO B 32 5.76 17.99 15.34
C PRO B 32 7.08 17.37 15.84
N GLY B 33 8.08 18.18 16.09
CA GLY B 33 9.32 17.73 16.76
C GLY B 33 10.12 16.71 15.99
N ASP B 34 10.81 15.82 16.70
CA ASP B 34 11.77 14.85 16.12
C ASP B 34 11.53 13.45 16.72
N GLY B 35 12.12 12.43 16.11
CA GLY B 35 12.06 11.04 16.59
C GLY B 35 10.64 10.54 16.77
N VAL B 36 10.32 10.04 17.96
CA VAL B 36 8.96 9.51 18.28
C VAL B 36 7.89 10.57 17.98
N CYS B 37 8.10 11.82 18.38
CA CYS B 37 7.10 12.89 18.18
C CYS B 37 6.78 13.09 16.70
N LYS B 38 7.79 13.07 15.84
CA LYS B 38 7.60 13.22 14.37
C LYS B 38 6.81 12.01 13.87
N ALA B 39 7.20 10.81 14.28
CA ALA B 39 6.55 9.52 13.93
C ALA B 39 5.08 9.56 14.35
N VAL B 40 4.79 10.07 15.55
CA VAL B 40 3.42 10.22 16.11
C VAL B 40 2.67 11.30 15.33
N TYR B 41 3.34 12.40 14.97
CA TYR B 41 2.69 13.49 14.20
C TYR B 41 2.28 13.01 12.79
N LYS B 42 3.06 12.07 12.24
CA LYS B 42 2.92 11.47 10.87
C LYS B 42 1.84 10.38 10.87
N LYS B 43 1.67 9.65 11.97
CA LYS B 43 0.67 8.53 12.05
C LYS B 43 -0.67 9.04 12.59
N TRP B 44 -0.66 9.86 13.64
CA TRP B 44 -1.87 10.37 14.33
C TRP B 44 -1.82 11.90 14.37
N PRO B 45 -1.76 12.60 13.22
CA PRO B 45 -1.71 14.06 13.18
C PRO B 45 -2.83 14.80 13.95
N GLU B 46 -4.04 14.22 13.97
CA GLU B 46 -5.24 14.75 14.65
C GLU B 46 -4.95 14.93 16.15
N SER B 47 -4.03 14.16 16.73
CA SER B 47 -3.73 14.18 18.21
C SER B 47 -3.03 15.45 18.71
N PHE B 48 -2.61 16.41 17.86
CA PHE B 48 -1.86 17.62 18.28
C PHE B 48 -2.73 18.85 18.47
N LYS B 49 -4.06 18.79 18.24
CA LYS B 49 -4.93 19.94 18.57
C LYS B 49 -4.93 20.16 20.08
N ASN B 50 -4.51 21.36 20.49
CA ASN B 50 -4.44 21.88 21.88
C ASN B 50 -3.70 20.89 22.77
N SER B 51 -2.58 20.34 22.28
CA SER B 51 -1.76 19.32 22.98
C SER B 51 -0.65 19.99 23.82
N ALA B 52 -0.40 21.29 23.63
CA ALA B 52 0.60 22.05 24.43
C ALA B 52 0.37 21.84 25.95
N THR B 53 1.44 21.51 26.69
CA THR B 53 1.36 21.26 28.15
C THR B 53 2.78 21.44 28.72
N PRO B 54 2.93 21.81 30.00
CA PRO B 54 4.25 22.09 30.58
C PRO B 54 5.13 20.84 30.73
N VAL B 55 6.42 21.08 30.83
CA VAL B 55 7.39 20.02 31.19
C VAL B 55 6.94 19.35 32.49
N GLY B 56 7.05 18.02 32.52
CA GLY B 56 6.72 17.24 33.72
C GLY B 56 5.25 16.86 33.73
N THR B 57 4.50 17.12 32.68
CA THR B 57 3.04 16.82 32.64
C THR B 57 2.69 15.96 31.42
N ALA B 58 1.49 15.38 31.44
CA ALA B 58 0.93 14.60 30.33
C ALA B 58 -0.45 15.15 30.02
N LYS B 59 -0.76 15.27 28.73
CA LYS B 59 -2.08 15.80 28.29
C LYS B 59 -2.61 14.86 27.20
N THR B 60 -3.78 14.27 27.42
CA THR B 60 -4.33 13.26 26.49
C THR B 60 -5.28 13.96 25.52
N VAL B 61 -5.13 13.69 24.23
CA VAL B 61 -6.07 14.16 23.17
C VAL B 61 -6.62 12.92 22.46
N MET B 62 -7.95 12.80 22.46
CA MET B 62 -8.69 11.67 21.84
C MET B 62 -8.75 11.91 20.33
N CYS B 63 -8.27 10.92 19.57
CA CYS B 63 -8.48 10.81 18.11
C CYS B 63 -9.56 9.76 17.84
N GLY B 64 -10.81 10.13 18.10
CA GLY B 64 -11.96 9.19 18.06
C GLY B 64 -11.88 8.23 19.22
N THR B 65 -11.37 7.02 18.99
CA THR B 65 -11.30 5.93 19.99
C THR B 65 -9.84 5.58 20.35
N TYR B 66 -8.83 6.20 19.71
CA TYR B 66 -7.39 5.94 20.01
C TYR B 66 -6.77 7.09 20.80
N PRO B 67 -6.49 6.89 22.12
CA PRO B 67 -5.95 7.96 22.97
C PRO B 67 -4.45 8.20 22.77
N VAL B 68 -4.07 9.47 22.59
CA VAL B 68 -2.64 9.86 22.47
C VAL B 68 -2.31 10.68 23.72
N ILE B 69 -1.40 10.15 24.54
CA ILE B 69 -0.98 10.78 25.81
C ILE B 69 0.33 11.56 25.55
N HIS B 70 0.22 12.87 25.47
CA HIS B 70 1.41 13.74 25.18
C HIS B 70 2.17 13.95 26.49
N ALA B 71 3.31 13.28 26.65
CA ALA B 71 4.14 13.36 27.88
C ALA B 71 5.38 14.21 27.61
N VAL B 72 5.51 15.28 28.39
CA VAL B 72 6.63 16.25 28.15
C VAL B 72 7.78 15.98 29.11
N GLY B 73 8.79 15.25 28.69
CA GLY B 73 10.03 15.09 29.45
C GLY B 73 10.93 16.31 29.24
N PRO B 74 11.85 16.55 30.18
CA PRO B 74 12.70 17.73 30.15
C PRO B 74 13.74 17.55 29.03
N ASN B 75 14.15 18.70 28.46
CA ASN B 75 15.36 18.80 27.63
C ASN B 75 16.57 19.02 28.55
N PHE B 76 17.42 18.01 28.69
CA PHE B 76 18.64 18.06 29.53
C PHE B 76 19.70 19.06 28.97
N SER B 77 19.48 19.63 27.78
CA SER B 77 20.26 20.79 27.25
C SER B 77 19.84 22.09 27.96
N ASN B 78 18.69 22.09 28.65
CA ASN B 78 18.16 23.31 29.30
C ASN B 78 18.14 23.12 30.82
N TYR B 79 17.81 21.90 31.28
CA TYR B 79 17.64 21.58 32.72
C TYR B 79 18.96 21.06 33.29
N THR B 80 19.22 21.36 34.56
CA THR B 80 20.31 20.70 35.31
C THR B 80 19.98 19.21 35.48
N GLU B 81 21.00 18.41 35.78
CA GLU B 81 20.81 16.96 36.08
C GLU B 81 19.78 16.85 37.22
N SER B 82 19.90 17.68 38.24
CA SER B 82 18.98 17.58 39.42
C SER B 82 17.56 17.92 39.00
N GLU B 83 17.35 19.07 38.35
CA GLU B 83 15.98 19.55 38.09
C GLU B 83 15.37 18.66 37.00
N GLY B 84 16.16 18.24 36.03
CA GLY B 84 15.70 17.34 34.95
C GLY B 84 15.26 16.01 35.52
N ASP B 85 15.99 15.49 36.49
CA ASP B 85 15.65 14.15 37.05
C ASP B 85 14.26 14.21 37.67
N ARG B 86 13.94 15.32 38.34
CA ARG B 86 12.64 15.48 39.03
C ARG B 86 11.53 15.59 37.97
N GLU B 87 11.75 16.36 36.90
CA GLU B 87 10.70 16.58 35.86
C GLU B 87 10.49 15.29 35.08
N LEU B 88 11.52 14.49 34.86
CA LEU B 88 11.41 13.23 34.09
C LEU B 88 10.60 12.24 34.93
N ALA B 89 10.85 12.18 36.23
CA ALA B 89 10.03 11.33 37.14
C ALA B 89 8.58 11.80 37.07
N ALA B 90 8.33 13.11 37.12
CA ALA B 90 6.97 13.71 37.15
C ALA B 90 6.21 13.35 35.88
N ALA B 91 6.85 13.46 34.72
CA ALA B 91 6.19 13.19 33.43
C ALA B 91 5.67 11.75 33.46
N TYR B 92 6.49 10.80 33.90
CA TYR B 92 6.05 9.38 33.98
C TYR B 92 4.92 9.22 35.01
N ARG B 93 4.97 9.89 36.14
CA ARG B 93 3.85 9.80 37.12
C ARG B 93 2.53 10.26 36.52
N GLU B 94 2.55 11.34 35.70
N GLU B 94 2.56 11.33 35.69
CA GLU B 94 1.33 11.83 35.00
CA GLU B 94 1.34 11.84 35.04
C GLU B 94 0.88 10.79 33.97
C GLU B 94 0.89 10.85 33.95
N VAL B 95 1.80 10.14 33.28
CA VAL B 95 1.44 9.08 32.32
C VAL B 95 0.67 7.98 33.09
N ALA B 96 1.14 7.54 34.24
CA ALA B 96 0.47 6.45 35.00
C ALA B 96 -0.94 6.87 35.39
N LYS B 97 -1.13 8.10 35.83
CA LYS B 97 -2.47 8.65 36.20
C LYS B 97 -3.37 8.62 34.97
N GLU B 98 -2.88 9.07 33.81
CA GLU B 98 -3.71 9.08 32.58
C GLU B 98 -4.10 7.67 32.13
N VAL B 99 -3.15 6.74 32.06
CA VAL B 99 -3.39 5.33 31.69
C VAL B 99 -4.46 4.79 32.64
N THR B 100 -4.38 5.12 33.92
CA THR B 100 -5.36 4.62 34.92
C THR B 100 -6.72 5.24 34.60
N ARG B 101 -6.77 6.55 34.42
CA ARG B 101 -8.04 7.30 34.19
C ARG B 101 -8.75 6.76 32.95
N LEU B 102 -8.01 6.39 31.89
CA LEU B 102 -8.54 5.98 30.57
C LEU B 102 -9.12 4.55 30.65
N GLY B 103 -8.69 3.74 31.61
CA GLY B 103 -9.17 2.35 31.75
C GLY B 103 -8.67 1.40 30.68
N VAL B 104 -7.61 1.74 29.95
CA VAL B 104 -6.99 0.83 28.96
C VAL B 104 -6.40 -0.39 29.67
N ASN B 105 -6.28 -1.49 28.93
CA ASN B 105 -5.62 -2.72 29.34
C ASN B 105 -4.22 -2.80 28.76
N SER B 106 -3.84 -1.87 27.85
CA SER B 106 -2.49 -1.85 27.26
C SER B 106 -2.10 -0.41 26.89
N VAL B 107 -0.78 -0.17 26.82
CA VAL B 107 -0.19 1.17 26.48
C VAL B 107 1.18 0.93 25.86
N ALA B 108 1.44 1.65 24.75
CA ALA B 108 2.73 1.77 24.05
C ALA B 108 3.45 3.01 24.57
N ILE B 109 4.67 2.86 25.08
N ILE B 109 4.66 2.82 25.11
CA ILE B 109 5.41 3.96 25.74
CA ILE B 109 5.47 3.87 25.81
C ILE B 109 6.86 3.97 25.27
C ILE B 109 6.86 3.93 25.19
N PRO B 110 7.39 5.14 24.88
CA PRO B 110 8.81 5.29 24.54
C PRO B 110 9.60 5.70 25.80
N LEU B 111 10.93 5.68 25.73
CA LEU B 111 11.79 6.21 26.82
C LEU B 111 11.93 7.73 26.70
N LEU B 112 11.23 8.46 27.53
CA LEU B 112 11.24 9.94 27.56
C LEU B 112 12.68 10.43 27.84
N SER B 113 13.01 11.51 27.12
CA SER B 113 14.25 12.31 27.26
C SER B 113 15.49 11.49 26.85
N THR B 114 15.37 10.47 25.99
CA THR B 114 16.52 9.63 25.57
C THR B 114 17.01 10.01 24.16
N GLY B 115 16.28 10.84 23.44
CA GLY B 115 16.61 11.24 22.05
C GLY B 115 17.26 12.61 22.03
N VAL B 116 16.70 13.53 21.25
CA VAL B 116 17.23 14.93 21.17
C VAL B 116 17.07 15.69 22.50
N TYR B 117 16.30 15.23 23.48
CA TYR B 117 16.26 15.88 24.82
C TYR B 117 17.30 15.28 25.79
N SER B 118 18.17 14.34 25.39
CA SER B 118 19.13 13.69 26.29
C SER B 118 20.32 14.58 26.70
N GLY B 119 20.54 15.69 25.99
CA GLY B 119 21.73 16.52 26.27
C GLY B 119 23.01 15.77 25.91
N GLY B 120 22.94 14.84 24.96
CA GLY B 120 24.07 14.03 24.48
C GLY B 120 24.50 12.90 25.42
N LYS B 121 23.69 12.55 26.44
CA LYS B 121 24.03 11.48 27.40
C LYS B 121 23.17 10.23 27.16
N ASP B 122 23.72 9.06 27.45
CA ASP B 122 22.99 7.78 27.47
C ASP B 122 22.09 7.75 28.71
N ARG B 123 20.77 7.80 28.51
CA ARG B 123 19.80 7.92 29.64
C ARG B 123 18.87 6.68 29.68
N LEU B 124 19.27 5.57 29.09
CA LEU B 124 18.37 4.36 29.03
C LEU B 124 17.99 3.97 30.46
N THR B 125 18.98 3.77 31.33
CA THR B 125 18.79 3.26 32.71
C THR B 125 17.96 4.28 33.50
N GLN B 126 18.31 5.54 33.43
CA GLN B 126 17.57 6.63 34.13
C GLN B 126 16.11 6.66 33.68
N SER B 127 15.86 6.67 32.38
CA SER B 127 14.48 6.87 31.87
C SER B 127 13.68 5.60 32.20
N LEU B 128 14.26 4.42 32.01
CA LEU B 128 13.54 3.16 32.30
C LEU B 128 13.25 3.06 33.80
N ASN B 129 14.14 3.51 34.68
CA ASN B 129 13.91 3.44 36.15
C ASN B 129 12.69 4.31 36.49
N HIS B 130 12.58 5.50 35.92
CA HIS B 130 11.41 6.39 36.18
C HIS B 130 10.12 5.79 35.57
N LEU B 131 10.23 5.12 34.42
CA LEU B 131 9.07 4.45 33.78
C LEU B 131 8.53 3.39 34.75
N PHE B 132 9.40 2.51 35.22
CA PHE B 132 9.03 1.45 36.18
C PHE B 132 8.45 2.07 37.43
N THR B 133 9.09 3.08 38.03
CA THR B 133 8.62 3.66 39.32
C THR B 133 7.16 4.08 39.17
N ALA B 134 6.81 4.70 38.04
CA ALA B 134 5.44 5.20 37.79
C ALA B 134 4.52 4.04 37.40
N MET B 135 4.93 3.14 36.52
CA MET B 135 3.99 2.21 35.86
C MET B 135 3.83 0.95 36.72
N ASP B 136 4.68 0.68 37.70
CA ASP B 136 4.67 -0.62 38.42
C ASP B 136 3.31 -0.81 39.09
N SER B 137 2.69 0.24 39.62
CA SER B 137 1.41 0.15 40.39
C SER B 137 0.21 0.10 39.45
N THR B 138 0.37 0.25 38.11
CA THR B 138 -0.77 0.21 37.15
C THR B 138 -0.95 -1.26 36.74
N ASP B 139 -2.15 -1.64 36.22
CA ASP B 139 -2.36 -3.03 35.76
C ASP B 139 -2.46 -3.12 34.25
N ALA B 140 -2.09 -2.08 33.50
CA ALA B 140 -2.07 -2.16 32.03
C ALA B 140 -0.88 -3.00 31.55
N ASP B 141 -1.05 -3.74 30.44
CA ASP B 141 0.12 -4.33 29.76
C ASP B 141 0.90 -3.16 29.15
N VAL B 142 2.18 -3.04 29.49
CA VAL B 142 3.06 -1.95 29.01
C VAL B 142 4.00 -2.52 27.95
N VAL B 143 4.01 -1.91 26.76
CA VAL B 143 4.94 -2.27 25.66
C VAL B 143 5.82 -1.03 25.42
N ILE B 144 7.10 -1.22 25.70
CA ILE B 144 8.14 -0.18 25.56
C ILE B 144 8.67 -0.28 24.13
N TYR B 145 8.68 0.85 23.42
CA TYR B 145 9.20 0.91 22.02
C TYR B 145 10.58 1.58 22.04
N CYS B 146 11.53 0.96 21.35
CA CYS B 146 12.89 1.53 21.08
C CYS B 146 13.24 1.28 19.59
N ARG B 147 14.38 1.82 19.13
CA ARG B 147 14.82 1.65 17.71
C ARG B 147 16.16 0.89 17.66
N ASP B 148 17.00 1.05 18.67
CA ASP B 148 18.37 0.50 18.69
C ASP B 148 18.35 -0.95 19.20
N LYS B 149 19.06 -1.84 18.51
CA LYS B 149 19.14 -3.29 18.85
C LYS B 149 19.85 -3.48 20.20
N GLU B 150 20.89 -2.70 20.51
CA GLU B 150 21.61 -2.81 21.81
C GLU B 150 20.67 -2.32 22.93
N TRP B 151 19.86 -1.32 22.63
CA TRP B 151 18.88 -0.77 23.62
C TRP B 151 17.79 -1.82 23.87
N GLU B 152 17.22 -2.41 22.82
CA GLU B 152 16.24 -3.51 22.97
C GLU B 152 16.81 -4.57 23.93
N LYS B 153 18.06 -5.02 23.71
CA LYS B 153 18.70 -6.04 24.56
C LYS B 153 18.72 -5.58 26.03
N LYS B 154 19.18 -4.35 26.30
CA LYS B 154 19.40 -3.88 27.70
C LYS B 154 18.06 -3.72 28.41
N ILE B 155 17.03 -3.24 27.71
CA ILE B 155 15.64 -3.05 28.24
C ILE B 155 15.06 -4.43 28.55
N SER B 156 15.16 -5.35 27.59
CA SER B 156 14.72 -6.75 27.77
C SER B 156 15.35 -7.37 29.03
N GLU B 157 16.66 -7.21 29.19
CA GLU B 157 17.45 -7.74 30.35
C GLU B 157 17.01 -7.06 31.65
N ALA B 158 16.62 -5.78 31.58
CA ALA B 158 16.16 -5.03 32.77
C ALA B 158 14.80 -5.61 33.19
N ILE B 159 13.93 -5.95 32.25
CA ILE B 159 12.56 -6.48 32.49
C ILE B 159 12.69 -7.87 33.11
N GLN B 160 13.52 -8.74 32.53
CA GLN B 160 13.63 -10.17 32.95
C GLN B 160 14.25 -10.31 34.33
N MET B 161 15.15 -9.39 34.71
CA MET B 161 15.93 -9.46 35.97
C MET B 161 14.97 -9.38 37.17
N ARG B 162 13.85 -8.67 37.03
CA ARG B 162 12.91 -8.38 38.15
C ARG B 162 11.78 -9.42 38.23
N THR B 163 11.70 -10.35 37.26
CA THR B 163 10.64 -11.39 37.21
C THR B 163 11.21 -12.76 37.58
N GLY C 1 9.06 -23.38 -12.54
CA GLY C 1 7.63 -22.92 -12.76
C GLY C 1 6.68 -24.10 -12.92
N ALA C 2 5.40 -23.95 -12.56
CA ALA C 2 4.36 -24.93 -12.93
C ALA C 2 4.17 -24.91 -14.44
N MET C 3 3.89 -26.06 -15.07
CA MET C 3 3.68 -26.15 -16.53
C MET C 3 2.52 -25.22 -16.98
N ALA C 4 1.49 -25.08 -16.17
CA ALA C 4 0.31 -24.25 -16.48
C ALA C 4 -0.12 -23.57 -15.18
N PRO C 5 0.59 -22.49 -14.80
CA PRO C 5 0.39 -21.82 -13.50
C PRO C 5 -1.10 -21.54 -13.29
N SER C 6 -1.61 -21.92 -12.11
CA SER C 6 -3.05 -21.84 -11.76
C SER C 6 -3.26 -21.18 -10.39
N TYR C 7 -4.51 -20.78 -10.13
CA TYR C 7 -5.05 -20.43 -8.79
C TYR C 7 -6.08 -21.48 -8.37
N ARG C 8 -6.04 -21.92 -7.12
CA ARG C 8 -7.05 -22.80 -6.50
C ARG C 8 -7.37 -22.27 -5.10
N VAL C 9 -8.53 -22.65 -4.56
CA VAL C 9 -8.89 -22.34 -3.16
C VAL C 9 -9.29 -23.63 -2.47
N LYS C 10 -8.87 -23.73 -1.22
CA LYS C 10 -9.17 -24.86 -0.32
C LYS C 10 -9.69 -24.32 1.01
N ARG C 11 -10.79 -24.90 1.50
CA ARG C 11 -11.30 -24.68 2.87
C ARG C 11 -10.67 -25.73 3.77
N MET C 12 -9.58 -25.37 4.47
CA MET C 12 -8.68 -26.34 5.13
C MET C 12 -7.59 -25.59 5.90
N ASP C 13 -7.06 -26.21 6.96
CA ASP C 13 -5.95 -25.68 7.79
C ASP C 13 -4.71 -25.54 6.89
N ILE C 14 -4.17 -24.33 6.75
CA ILE C 14 -2.97 -24.05 5.91
C ILE C 14 -1.77 -24.81 6.50
N ALA C 15 -1.83 -25.19 7.78
CA ALA C 15 -0.74 -25.90 8.47
C ALA C 15 -0.63 -27.33 7.92
N LYS C 16 -1.66 -27.79 7.19
N LYS C 16 -1.64 -27.83 7.22
CA LYS C 16 -1.72 -29.13 6.55
CA LYS C 16 -1.62 -29.16 6.56
C LYS C 16 -1.68 -28.99 5.03
C LYS C 16 -1.67 -28.99 5.02
N ASN C 17 -1.14 -27.89 4.49
CA ASN C 17 -1.07 -27.70 3.02
C ASN C 17 -0.23 -28.78 2.30
N ASP C 18 -0.43 -28.87 1.00
CA ASP C 18 0.24 -29.80 0.03
C ASP C 18 1.13 -29.05 -0.96
N GLU C 19 1.60 -27.85 -0.62
CA GLU C 19 2.48 -27.05 -1.48
C GLU C 19 3.93 -27.02 -0.97
N GLU C 20 4.80 -26.47 -1.80
CA GLU C 20 6.30 -26.46 -1.59
C GLU C 20 6.75 -25.40 -0.59
N CYS C 21 5.88 -24.47 -0.18
CA CYS C 21 6.16 -23.43 0.82
C CYS C 21 4.84 -22.82 1.30
N VAL C 22 4.89 -22.16 2.44
CA VAL C 22 3.69 -21.57 3.06
C VAL C 22 3.93 -20.09 3.32
N VAL C 23 2.86 -19.30 3.17
CA VAL C 23 2.86 -17.88 3.64
C VAL C 23 2.21 -17.84 4.99
N ASN C 24 2.95 -17.32 5.98
CA ASN C 24 2.42 -17.05 7.33
C ASN C 24 1.86 -15.62 7.32
N ALA C 25 0.65 -15.44 7.84
CA ALA C 25 0.08 -14.10 8.13
C ALA C 25 0.71 -13.62 9.45
N ALA C 26 1.92 -13.09 9.35
CA ALA C 26 2.86 -12.80 10.46
C ALA C 26 2.55 -11.43 11.11
N ASN C 27 3.15 -11.20 12.28
CA ASN C 27 3.16 -9.89 12.99
C ASN C 27 4.59 -9.36 12.93
N PRO C 28 4.81 -8.02 13.04
CA PRO C 28 6.12 -7.43 12.81
C PRO C 28 7.26 -7.91 13.72
N ARG C 29 6.92 -8.43 14.91
CA ARG C 29 7.88 -8.84 15.97
C ARG C 29 8.26 -10.32 15.79
N GLY C 30 7.49 -11.09 15.00
CA GLY C 30 7.78 -12.51 14.77
C GLY C 30 7.33 -13.37 15.94
N LEU C 31 6.24 -12.98 16.60
CA LEU C 31 5.65 -13.71 17.76
C LEU C 31 4.63 -14.74 17.26
N PRO C 32 4.40 -15.82 18.03
CA PRO C 32 3.35 -16.80 17.70
C PRO C 32 1.98 -16.26 17.27
N GLY C 33 1.53 -15.16 17.87
CA GLY C 33 0.27 -14.48 17.47
C GLY C 33 -0.93 -15.41 17.58
N ASP C 34 -1.94 -15.20 16.72
CA ASP C 34 -3.24 -15.93 16.73
C ASP C 34 -3.65 -16.24 15.29
N GLY C 35 -4.71 -17.04 15.12
CA GLY C 35 -5.22 -17.48 13.80
C GLY C 35 -4.17 -18.29 13.04
N VAL C 36 -3.99 -17.99 11.75
CA VAL C 36 -3.03 -18.69 10.84
C VAL C 36 -1.64 -18.72 11.50
N CYS C 37 -1.20 -17.61 12.09
CA CYS C 37 0.15 -17.43 12.70
C CYS C 37 0.38 -18.44 13.84
N LYS C 38 -0.67 -18.80 14.59
CA LYS C 38 -0.60 -19.73 15.74
C LYS C 38 -0.37 -21.17 15.26
N ALA C 39 -1.28 -21.71 14.45
CA ALA C 39 -1.19 -23.04 13.80
C ALA C 39 0.16 -23.17 13.07
N VAL C 40 0.55 -22.13 12.32
CA VAL C 40 1.86 -22.05 11.61
C VAL C 40 2.98 -22.19 12.64
N TYR C 41 2.88 -21.48 13.78
CA TYR C 41 3.90 -21.54 14.87
C TYR C 41 3.95 -22.96 15.43
N LYS C 42 2.81 -23.62 15.56
CA LYS C 42 2.74 -25.00 16.12
C LYS C 42 3.36 -25.99 15.12
N LYS C 43 3.14 -25.80 13.81
CA LYS C 43 3.64 -26.73 12.76
C LYS C 43 5.13 -26.48 12.47
N TRP C 44 5.56 -25.21 12.40
CA TRP C 44 6.93 -24.84 11.97
C TRP C 44 7.59 -23.87 12.95
N PRO C 45 7.71 -24.23 14.25
CA PRO C 45 8.22 -23.29 15.25
C PRO C 45 9.64 -22.80 14.94
N GLU C 46 10.49 -23.64 14.34
CA GLU C 46 11.90 -23.30 14.00
C GLU C 46 11.96 -22.13 13.00
N SER C 47 10.91 -21.93 12.20
CA SER C 47 10.80 -20.84 11.19
C SER C 47 10.65 -19.48 11.88
N PHE C 48 10.37 -19.44 13.19
CA PHE C 48 10.18 -18.17 13.97
C PHE C 48 11.48 -17.61 14.58
N LYS C 49 12.62 -18.15 14.16
CA LYS C 49 13.99 -17.66 14.52
C LYS C 49 14.34 -16.44 13.65
N ASN C 50 14.43 -15.25 14.27
CA ASN C 50 14.78 -13.97 13.60
C ASN C 50 13.83 -13.74 12.41
N SER C 51 12.54 -14.04 12.61
CA SER C 51 11.47 -13.86 11.59
C SER C 51 10.96 -12.42 11.56
N ALA C 52 11.21 -11.63 12.62
CA ALA C 52 10.74 -10.23 12.73
C ALA C 52 11.00 -9.50 11.41
N THR C 53 9.98 -8.78 10.90
CA THR C 53 10.08 -8.01 9.64
C THR C 53 9.02 -6.91 9.68
N PRO C 54 9.28 -5.70 9.12
CA PRO C 54 8.31 -4.60 9.19
C PRO C 54 7.00 -4.82 8.44
N VAL C 55 5.97 -4.11 8.89
CA VAL C 55 4.66 -4.03 8.16
C VAL C 55 4.97 -3.76 6.69
N GLY C 56 4.28 -4.46 5.78
CA GLY C 56 4.46 -4.26 4.34
C GLY C 56 5.58 -5.05 3.69
N THR C 57 6.18 -5.98 4.44
CA THR C 57 7.38 -6.78 4.04
C THR C 57 7.11 -8.27 4.21
N ALA C 58 8.00 -9.09 3.64
CA ALA C 58 7.96 -10.56 3.83
C ALA C 58 9.40 -10.99 4.08
N LYS C 59 9.57 -11.94 5.00
CA LYS C 59 10.87 -12.55 5.40
C LYS C 59 10.73 -14.08 5.40
N THR C 60 11.56 -14.79 4.63
CA THR C 60 11.52 -16.27 4.59
C THR C 60 12.47 -16.85 5.65
N VAL C 61 11.96 -17.75 6.47
CA VAL C 61 12.82 -18.62 7.32
C VAL C 61 12.47 -20.08 7.07
N MET C 62 13.54 -20.87 6.93
CA MET C 62 13.41 -22.34 6.73
C MET C 62 13.07 -23.02 8.05
N CYS C 63 12.16 -23.97 8.00
CA CYS C 63 11.93 -25.00 9.02
C CYS C 63 12.46 -26.32 8.44
N GLY C 64 13.68 -26.71 8.81
CA GLY C 64 14.39 -27.76 8.03
C GLY C 64 14.75 -27.23 6.64
N THR C 65 14.17 -27.75 5.56
CA THR C 65 14.30 -27.18 4.20
C THR C 65 12.94 -26.60 3.72
N TYR C 66 11.92 -26.59 4.56
CA TYR C 66 10.54 -26.17 4.17
C TYR C 66 10.42 -24.64 4.40
N PRO C 67 10.27 -23.81 3.33
CA PRO C 67 10.27 -22.36 3.51
C PRO C 67 8.92 -21.86 4.05
N VAL C 68 9.03 -21.04 5.10
CA VAL C 68 7.92 -20.26 5.68
C VAL C 68 8.18 -18.78 5.37
N ILE C 69 7.27 -18.18 4.58
CA ILE C 69 7.37 -16.78 4.14
C ILE C 69 6.50 -15.98 5.10
N HIS C 70 7.13 -15.23 6.03
CA HIS C 70 6.40 -14.46 7.05
C HIS C 70 6.03 -13.11 6.42
N ALA C 71 4.77 -12.93 6.07
CA ALA C 71 4.26 -11.74 5.35
C ALA C 71 3.46 -10.94 6.36
N VAL C 72 3.86 -9.66 6.51
CA VAL C 72 3.24 -8.79 7.53
C VAL C 72 2.32 -7.78 6.82
N GLY C 73 1.03 -8.09 6.83
CA GLY C 73 0.01 -7.14 6.35
C GLY C 73 -0.26 -6.10 7.42
N PRO C 74 -0.90 -4.98 7.04
CA PRO C 74 -1.30 -3.98 8.02
C PRO C 74 -2.46 -4.45 8.88
N ASN C 75 -2.43 -4.02 10.15
CA ASN C 75 -3.60 -4.17 11.03
C ASN C 75 -4.51 -2.93 10.87
N PHE C 76 -5.72 -3.14 10.34
CA PHE C 76 -6.63 -2.02 9.98
C PHE C 76 -7.30 -1.42 11.23
N SER C 77 -7.11 -2.00 12.41
CA SER C 77 -7.54 -1.35 13.67
C SER C 77 -6.63 -0.16 13.98
N ASN C 78 -5.43 -0.13 13.37
CA ASN C 78 -4.34 0.86 13.61
C ASN C 78 -4.08 1.71 12.36
N TYR C 79 -4.31 1.16 11.16
CA TYR C 79 -3.99 1.86 9.89
C TYR C 79 -5.28 2.51 9.34
N THR C 80 -5.18 3.67 8.71
CA THR C 80 -6.32 4.25 7.95
C THR C 80 -6.58 3.37 6.73
N GLU C 81 -7.74 3.53 6.11
CA GLU C 81 -8.03 2.81 4.83
C GLU C 81 -6.99 3.16 3.78
N SER C 82 -6.63 4.43 3.65
CA SER C 82 -5.63 4.83 2.65
C SER C 82 -4.25 4.21 2.89
N GLU C 83 -3.68 4.37 4.10
CA GLU C 83 -2.32 3.92 4.39
C GLU C 83 -2.29 2.36 4.41
N GLY C 84 -3.36 1.77 4.90
CA GLY C 84 -3.43 0.29 4.98
C GLY C 84 -3.52 -0.32 3.60
N ASP C 85 -4.25 0.30 2.69
CA ASP C 85 -4.38 -0.25 1.33
C ASP C 85 -3.00 -0.36 0.68
N ARG C 86 -2.16 0.67 0.83
CA ARG C 86 -0.81 0.65 0.23
C ARG C 86 0.07 -0.42 0.90
N GLU C 87 0.02 -0.57 2.23
CA GLU C 87 0.86 -1.57 2.95
C GLU C 87 0.40 -2.98 2.59
N LEU C 88 -0.89 -3.19 2.36
CA LEU C 88 -1.42 -4.55 2.02
C LEU C 88 -0.90 -4.92 0.63
N ALA C 89 -0.97 -3.98 -0.31
CA ALA C 89 -0.40 -4.20 -1.66
C ALA C 89 1.09 -4.55 -1.55
N ALA C 90 1.84 -3.84 -0.70
CA ALA C 90 3.30 -4.02 -0.63
C ALA C 90 3.63 -5.39 -0.01
N ALA C 91 2.89 -5.82 0.99
CA ALA C 91 3.08 -7.13 1.67
C ALA C 91 2.97 -8.23 0.60
N TYR C 92 1.93 -8.16 -0.24
CA TYR C 92 1.80 -9.19 -1.30
C TYR C 92 2.91 -9.12 -2.35
N ARG C 93 3.37 -7.92 -2.72
N ARG C 93 3.38 -7.92 -2.72
CA ARG C 93 4.47 -7.79 -3.71
CA ARG C 93 4.47 -7.82 -3.73
C ARG C 93 5.74 -8.45 -3.15
C ARG C 93 5.75 -8.44 -3.15
N GLU C 94 5.97 -8.33 -1.84
CA GLU C 94 7.16 -8.97 -1.20
C GLU C 94 6.94 -10.49 -1.18
N VAL C 95 5.71 -10.97 -1.01
CA VAL C 95 5.45 -12.46 -1.09
C VAL C 95 5.82 -12.93 -2.49
N ALA C 96 5.40 -12.23 -3.56
CA ALA C 96 5.72 -12.58 -4.95
C ALA C 96 7.23 -12.66 -5.15
N LYS C 97 7.98 -11.68 -4.63
CA LYS C 97 9.46 -11.68 -4.71
C LYS C 97 10.03 -12.92 -3.98
N GLU C 98 9.55 -13.21 -2.78
CA GLU C 98 10.08 -14.35 -1.98
C GLU C 98 9.78 -15.67 -2.68
N VAL C 99 8.54 -15.84 -3.16
CA VAL C 99 8.22 -17.11 -3.92
C VAL C 99 9.14 -17.24 -5.13
N THR C 100 9.40 -16.17 -5.87
CA THR C 100 10.25 -16.17 -7.09
C THR C 100 11.69 -16.57 -6.68
N ARG C 101 12.18 -15.93 -5.65
CA ARG C 101 13.57 -16.13 -5.16
C ARG C 101 13.75 -17.61 -4.82
N LEU C 102 12.77 -18.21 -4.20
CA LEU C 102 12.90 -19.60 -3.70
C LEU C 102 12.87 -20.63 -4.84
N GLY C 103 12.33 -20.30 -6.01
CA GLY C 103 12.25 -21.20 -7.17
C GLY C 103 11.19 -22.27 -7.04
N VAL C 104 10.29 -22.14 -6.08
CA VAL C 104 9.19 -23.14 -5.80
C VAL C 104 8.20 -23.17 -6.97
N ASN C 105 7.55 -24.33 -7.17
CA ASN C 105 6.51 -24.51 -8.21
C ASN C 105 5.12 -24.31 -7.59
N SER C 106 5.01 -24.12 -6.29
CA SER C 106 3.70 -23.95 -5.62
C SER C 106 3.86 -23.27 -4.27
N VAL C 107 2.80 -22.61 -3.86
CA VAL C 107 2.75 -21.83 -2.62
C VAL C 107 1.33 -21.86 -2.02
N ALA C 108 1.22 -22.06 -0.70
CA ALA C 108 0.01 -22.00 0.10
C ALA C 108 -0.06 -20.61 0.72
N ILE C 109 -1.16 -19.89 0.47
N ILE C 109 -1.19 -19.92 0.56
CA ILE C 109 -1.32 -18.46 0.91
CA ILE C 109 -1.27 -18.47 0.94
C ILE C 109 -2.65 -18.28 1.62
C ILE C 109 -2.64 -18.20 1.56
N PRO C 110 -2.69 -17.49 2.71
CA PRO C 110 -3.94 -17.04 3.30
C PRO C 110 -4.26 -15.61 2.80
N LEU C 111 -5.48 -15.14 2.99
CA LEU C 111 -5.81 -13.72 2.61
C LEU C 111 -5.33 -12.81 3.76
N LEU C 112 -4.29 -12.07 3.48
CA LEU C 112 -3.67 -11.13 4.45
C LEU C 112 -4.66 -10.07 4.87
N SER C 113 -4.60 -9.69 6.15
CA SER C 113 -5.37 -8.59 6.78
C SER C 113 -6.86 -8.89 6.76
N THR C 114 -7.33 -10.16 6.78
CA THR C 114 -8.80 -10.44 6.75
C THR C 114 -9.37 -11.02 8.06
N GLY C 115 -8.56 -11.35 9.04
CA GLY C 115 -9.05 -11.87 10.35
C GLY C 115 -8.89 -10.81 11.43
N VAL C 116 -8.02 -11.04 12.41
CA VAL C 116 -7.79 -10.10 13.55
C VAL C 116 -7.19 -8.77 13.05
N TYR C 117 -6.62 -8.72 11.84
CA TYR C 117 -6.02 -7.48 11.27
C TYR C 117 -7.06 -6.76 10.37
N SER C 118 -8.31 -7.23 10.30
CA SER C 118 -9.33 -6.63 9.39
C SER C 118 -9.94 -5.32 9.92
N GLY C 119 -9.73 -4.98 11.19
CA GLY C 119 -10.43 -3.85 11.82
C GLY C 119 -11.93 -4.00 11.80
N GLY C 120 -12.45 -5.23 11.80
CA GLY C 120 -13.89 -5.55 11.80
C GLY C 120 -14.57 -5.40 10.43
N LYS C 121 -13.83 -5.24 9.32
CA LYS C 121 -14.45 -5.02 7.99
C LYS C 121 -14.28 -6.30 7.15
N ASP C 122 -15.21 -6.56 6.24
CA ASP C 122 -15.10 -7.66 5.25
C ASP C 122 -14.07 -7.24 4.19
N ARG C 123 -12.90 -7.87 4.17
CA ARG C 123 -11.81 -7.47 3.22
C ARG C 123 -11.47 -8.57 2.18
N LEU C 124 -12.40 -9.50 1.92
CA LEU C 124 -12.16 -10.62 0.97
C LEU C 124 -11.73 -10.06 -0.40
N THR C 125 -12.56 -9.22 -1.03
CA THR C 125 -12.31 -8.65 -2.38
C THR C 125 -11.03 -7.82 -2.35
N GLN C 126 -10.88 -6.93 -1.36
CA GLN C 126 -9.68 -6.08 -1.29
C GLN C 126 -8.40 -6.95 -1.23
N SER C 127 -8.36 -7.88 -0.30
CA SER C 127 -7.18 -8.76 -0.06
C SER C 127 -6.91 -9.62 -1.31
N LEU C 128 -7.96 -10.24 -1.87
CA LEU C 128 -7.82 -11.09 -3.05
C LEU C 128 -7.36 -10.28 -4.26
N ASN C 129 -7.86 -9.05 -4.44
CA ASN C 129 -7.39 -8.17 -5.55
C ASN C 129 -5.89 -7.90 -5.42
N HIS C 130 -5.39 -7.57 -4.21
CA HIS C 130 -3.95 -7.35 -4.03
C HIS C 130 -3.16 -8.64 -4.29
N LEU C 131 -3.68 -9.79 -3.86
CA LEU C 131 -3.03 -11.09 -4.08
C LEU C 131 -2.84 -11.34 -5.57
N PHE C 132 -3.90 -11.15 -6.35
CA PHE C 132 -3.78 -11.35 -7.83
C PHE C 132 -2.80 -10.36 -8.43
N THR C 133 -2.85 -9.06 -8.05
CA THR C 133 -2.00 -8.02 -8.64
C THR C 133 -0.52 -8.45 -8.45
N ALA C 134 -0.18 -9.04 -7.29
CA ALA C 134 1.23 -9.41 -7.00
C ALA C 134 1.58 -10.75 -7.65
N MET C 135 0.66 -11.73 -7.60
CA MET C 135 0.98 -13.14 -7.96
C MET C 135 0.74 -13.43 -9.46
N ASP C 136 0.02 -12.59 -10.20
CA ASP C 136 -0.32 -12.90 -11.60
C ASP C 136 0.96 -13.05 -12.41
N SER C 137 2.06 -12.31 -12.08
CA SER C 137 3.29 -12.36 -12.90
C SER C 137 4.22 -13.49 -12.44
N THR C 138 3.85 -14.27 -11.44
CA THR C 138 4.60 -15.46 -11.00
C THR C 138 4.10 -16.70 -11.72
N ASP C 139 4.96 -17.73 -11.81
CA ASP C 139 4.63 -19.03 -12.49
C ASP C 139 4.40 -20.14 -11.46
N ALA C 140 4.25 -19.82 -10.19
CA ALA C 140 3.96 -20.84 -9.16
C ALA C 140 2.48 -21.17 -9.17
N ASP C 141 2.12 -22.44 -8.93
CA ASP C 141 0.72 -22.75 -8.56
C ASP C 141 0.40 -22.11 -7.21
N VAL C 142 -0.64 -21.30 -7.15
CA VAL C 142 -1.06 -20.63 -5.92
C VAL C 142 -2.29 -21.33 -5.37
N VAL C 143 -2.24 -21.74 -4.12
CA VAL C 143 -3.38 -22.37 -3.42
C VAL C 143 -3.76 -21.49 -2.24
N ILE C 144 -4.95 -20.91 -2.28
CA ILE C 144 -5.46 -20.02 -1.21
C ILE C 144 -6.19 -20.83 -0.18
N TYR C 145 -5.91 -20.63 1.10
CA TYR C 145 -6.52 -21.39 2.22
C TYR C 145 -7.48 -20.49 2.97
N CYS C 146 -8.68 -20.99 3.22
CA CYS C 146 -9.68 -20.26 4.01
C CYS C 146 -10.39 -21.26 4.96
N ARG C 147 -11.26 -20.74 5.81
CA ARG C 147 -11.99 -21.55 6.85
C ARG C 147 -13.51 -21.43 6.67
N ASP C 148 -14.00 -20.35 6.04
CA ASP C 148 -15.45 -20.05 5.94
C ASP C 148 -15.98 -20.57 4.61
N LYS C 149 -17.12 -21.28 4.63
CA LYS C 149 -17.74 -21.84 3.40
C LYS C 149 -18.22 -20.73 2.45
N GLU C 150 -18.75 -19.62 2.96
CA GLU C 150 -19.17 -18.49 2.08
C GLU C 150 -17.94 -17.84 1.41
N TRP C 151 -16.82 -17.73 2.13
CA TRP C 151 -15.54 -17.19 1.57
C TRP C 151 -14.99 -18.16 0.51
N GLU C 152 -15.01 -19.47 0.76
CA GLU C 152 -14.54 -20.46 -0.24
C GLU C 152 -15.29 -20.23 -1.57
N LYS C 153 -16.60 -20.07 -1.51
CA LYS C 153 -17.45 -19.89 -2.73
C LYS C 153 -17.13 -18.59 -3.46
N LYS C 154 -16.98 -17.49 -2.72
CA LYS C 154 -16.70 -16.16 -3.32
C LYS C 154 -15.28 -16.15 -3.91
N ILE C 155 -14.30 -16.73 -3.22
CA ILE C 155 -12.92 -16.81 -3.80
C ILE C 155 -12.94 -17.67 -5.06
N SER C 156 -13.60 -18.84 -5.00
CA SER C 156 -13.72 -19.75 -6.16
C SER C 156 -14.34 -19.00 -7.34
N GLU C 157 -15.44 -18.28 -7.11
CA GLU C 157 -16.14 -17.46 -8.14
C GLU C 157 -15.15 -16.47 -8.77
N ALA C 158 -14.38 -15.75 -7.96
CA ALA C 158 -13.42 -14.72 -8.42
C ALA C 158 -12.33 -15.34 -9.29
N ILE C 159 -11.86 -16.55 -8.94
CA ILE C 159 -10.80 -17.27 -9.71
C ILE C 159 -11.39 -17.67 -11.08
N GLN C 160 -12.55 -18.31 -11.08
CA GLN C 160 -13.14 -18.89 -12.33
C GLN C 160 -13.53 -17.76 -13.27
N MET C 161 -13.97 -16.60 -12.75
CA MET C 161 -14.41 -15.42 -13.54
C MET C 161 -13.34 -15.00 -14.56
N ARG C 162 -12.05 -15.19 -14.24
CA ARG C 162 -10.92 -14.66 -15.06
C ARG C 162 -10.44 -15.72 -16.08
N THR C 163 -10.87 -16.98 -15.92
CA THR C 163 -10.50 -18.11 -16.81
C THR C 163 -11.53 -18.22 -17.94
N PRO D 5 19.23 -13.51 -40.56
CA PRO D 5 17.98 -12.77 -40.42
C PRO D 5 18.15 -11.25 -40.56
N SER D 6 17.19 -10.60 -41.22
N SER D 6 17.19 -10.58 -41.20
CA SER D 6 17.06 -9.12 -41.34
CA SER D 6 17.09 -9.11 -41.34
C SER D 6 16.32 -8.58 -40.11
C SER D 6 16.27 -8.54 -40.19
N TYR D 7 16.61 -7.33 -39.72
CA TYR D 7 15.90 -6.64 -38.63
C TYR D 7 15.38 -5.31 -39.13
N ARG D 8 14.13 -4.99 -38.77
CA ARG D 8 13.49 -3.68 -38.99
C ARG D 8 12.75 -3.32 -37.70
N VAL D 9 12.43 -2.04 -37.53
CA VAL D 9 11.61 -1.54 -36.41
C VAL D 9 10.45 -0.73 -36.98
N LYS D 10 9.26 -0.88 -36.39
CA LYS D 10 8.06 -0.09 -36.72
C LYS D 10 7.50 0.48 -35.40
N ARG D 11 7.14 1.76 -35.42
CA ARG D 11 6.40 2.41 -34.32
C ARG D 11 4.91 2.26 -34.63
N MET D 12 4.30 1.17 -34.17
CA MET D 12 2.87 0.87 -34.42
C MET D 12 2.48 -0.32 -33.57
N ASP D 13 1.17 -0.51 -33.49
CA ASP D 13 0.52 -1.57 -32.67
C ASP D 13 0.87 -2.93 -33.30
N ILE D 14 1.51 -3.81 -32.53
CA ILE D 14 1.92 -5.16 -33.02
C ILE D 14 0.64 -5.95 -33.38
N ALA D 15 -0.51 -5.56 -32.87
CA ALA D 15 -1.81 -6.22 -33.21
C ALA D 15 -2.16 -5.93 -34.68
N LYS D 16 -1.46 -4.99 -35.34
CA LYS D 16 -1.68 -4.67 -36.77
C LYS D 16 -0.44 -4.99 -37.62
N ASN D 17 0.37 -5.97 -37.21
CA ASN D 17 1.64 -6.30 -37.88
C ASN D 17 1.39 -6.88 -39.29
N ASP D 18 2.41 -6.82 -40.13
CA ASP D 18 2.38 -7.33 -41.52
C ASP D 18 3.25 -8.59 -41.63
N GLU D 19 3.44 -9.37 -40.57
CA GLU D 19 4.32 -10.54 -40.64
C GLU D 19 3.52 -11.86 -40.52
N GLU D 20 4.16 -13.00 -40.75
CA GLU D 20 3.47 -14.33 -40.80
C GLU D 20 3.10 -14.86 -39.41
N CYS D 21 3.63 -14.27 -38.33
CA CYS D 21 3.31 -14.70 -36.96
C CYS D 21 3.68 -13.58 -36.00
N VAL D 22 3.20 -13.70 -34.77
CA VAL D 22 3.37 -12.64 -33.74
C VAL D 22 3.86 -13.29 -32.45
N VAL D 23 4.74 -12.55 -31.78
CA VAL D 23 5.18 -12.89 -30.40
C VAL D 23 4.40 -12.02 -29.41
N ASN D 24 3.70 -12.66 -28.50
CA ASN D 24 2.99 -11.98 -27.41
C ASN D 24 3.95 -11.81 -26.24
N ALA D 25 3.97 -10.61 -25.65
CA ALA D 25 4.65 -10.40 -24.34
C ALA D 25 3.68 -10.86 -23.25
N ALA D 26 3.64 -12.16 -23.02
CA ALA D 26 2.61 -12.86 -22.24
C ALA D 26 2.90 -12.83 -20.73
N ASN D 27 1.90 -13.12 -19.94
CA ASN D 27 2.04 -13.46 -18.52
C ASN D 27 1.97 -14.98 -18.41
N PRO D 28 2.50 -15.55 -17.31
CA PRO D 28 2.59 -16.99 -17.23
C PRO D 28 1.24 -17.71 -17.11
N ARG D 29 0.19 -16.97 -16.80
CA ARG D 29 -1.16 -17.54 -16.48
C ARG D 29 -2.07 -17.55 -17.70
N GLY D 30 -1.63 -16.98 -18.81
CA GLY D 30 -2.49 -16.86 -20.01
C GLY D 30 -3.63 -15.91 -19.77
N LEU D 31 -3.48 -14.91 -18.89
CA LEU D 31 -4.49 -13.85 -18.67
C LEU D 31 -4.39 -12.76 -19.74
N PRO D 32 -5.50 -12.03 -20.00
CA PRO D 32 -5.50 -10.91 -20.94
C PRO D 32 -4.48 -9.81 -20.67
N GLY D 33 -4.20 -9.53 -19.38
CA GLY D 33 -3.11 -8.61 -19.00
C GLY D 33 -3.35 -7.18 -19.48
N ASP D 34 -2.25 -6.48 -19.78
CA ASP D 34 -2.23 -5.05 -20.17
C ASP D 34 -1.17 -4.87 -21.28
N GLY D 35 -1.07 -3.66 -21.85
CA GLY D 35 -0.06 -3.36 -22.87
C GLY D 35 -0.21 -4.24 -24.11
N VAL D 36 0.92 -4.72 -24.63
CA VAL D 36 0.99 -5.65 -25.80
C VAL D 36 0.02 -6.82 -25.56
N CYS D 37 0.06 -7.43 -24.38
CA CYS D 37 -0.73 -8.64 -24.07
C CYS D 37 -2.23 -8.38 -24.29
N LYS D 38 -2.73 -7.22 -23.82
CA LYS D 38 -4.19 -6.91 -23.94
C LYS D 38 -4.54 -6.64 -25.41
N ALA D 39 -3.64 -6.03 -26.18
CA ALA D 39 -3.88 -5.78 -27.63
C ALA D 39 -3.95 -7.11 -28.40
N VAL D 40 -3.07 -8.02 -28.03
CA VAL D 40 -2.98 -9.38 -28.60
C VAL D 40 -4.27 -10.09 -28.20
N TYR D 41 -4.73 -9.92 -26.95
CA TYR D 41 -5.97 -10.59 -26.50
C TYR D 41 -7.17 -10.08 -27.33
N LYS D 42 -7.24 -8.79 -27.60
CA LYS D 42 -8.39 -8.25 -28.36
C LYS D 42 -8.36 -8.76 -29.81
N LYS D 43 -7.16 -8.92 -30.39
CA LYS D 43 -6.99 -9.21 -31.83
C LYS D 43 -7.10 -10.73 -32.05
N TRP D 44 -6.53 -11.55 -31.16
CA TRP D 44 -6.40 -13.02 -31.36
C TRP D 44 -6.85 -13.76 -30.09
N PRO D 45 -8.07 -13.52 -29.56
CA PRO D 45 -8.46 -14.10 -28.27
C PRO D 45 -8.44 -15.63 -28.28
N GLU D 46 -8.72 -16.26 -29.44
CA GLU D 46 -8.73 -17.75 -29.54
C GLU D 46 -7.34 -18.31 -29.20
N SER D 47 -6.27 -17.54 -29.39
CA SER D 47 -4.88 -17.99 -29.12
C SER D 47 -4.60 -18.09 -27.61
N PHE D 48 -5.52 -17.66 -26.73
CA PHE D 48 -5.32 -17.78 -25.27
C PHE D 48 -5.86 -19.10 -24.68
N LYS D 49 -6.35 -20.03 -25.52
CA LYS D 49 -6.75 -21.38 -25.05
C LYS D 49 -5.50 -22.16 -24.65
N ASN D 50 -5.37 -22.46 -23.36
CA ASN D 50 -4.22 -23.21 -22.80
C ASN D 50 -2.91 -22.52 -23.21
N SER D 51 -2.84 -21.19 -23.13
CA SER D 51 -1.58 -20.44 -23.43
C SER D 51 -0.67 -20.32 -22.20
N ALA D 52 -1.12 -20.65 -21.00
CA ALA D 52 -0.33 -20.55 -19.74
C ALA D 52 0.96 -21.35 -19.90
N THR D 53 2.09 -20.79 -19.44
CA THR D 53 3.41 -21.43 -19.62
C THR D 53 4.35 -20.74 -18.66
N PRO D 54 5.42 -21.41 -18.20
CA PRO D 54 6.26 -20.80 -17.19
C PRO D 54 7.09 -19.63 -17.74
N VAL D 55 7.62 -18.88 -16.80
CA VAL D 55 8.65 -17.83 -17.10
C VAL D 55 9.82 -18.44 -17.86
N GLY D 56 10.33 -17.75 -18.86
CA GLY D 56 11.46 -18.22 -19.68
C GLY D 56 11.10 -19.19 -20.77
N THR D 57 9.81 -19.40 -21.05
CA THR D 57 9.32 -20.34 -22.08
C THR D 57 8.47 -19.61 -23.12
N ALA D 58 8.26 -20.30 -24.24
CA ALA D 58 7.35 -19.81 -25.30
C ALA D 58 6.37 -20.94 -25.62
N LYS D 59 5.12 -20.59 -25.85
CA LYS D 59 4.09 -21.60 -26.21
C LYS D 59 3.25 -21.03 -27.33
N THR D 60 3.24 -21.73 -28.47
CA THR D 60 2.55 -21.28 -29.70
C THR D 60 1.12 -21.83 -29.71
N VAL D 61 0.16 -20.94 -29.87
CA VAL D 61 -1.26 -21.34 -30.07
C VAL D 61 -1.76 -20.63 -31.31
N MET D 62 -2.46 -21.38 -32.17
CA MET D 62 -2.98 -20.85 -33.47
C MET D 62 -4.29 -20.08 -33.21
N CYS D 63 -4.46 -18.95 -33.91
CA CYS D 63 -5.74 -18.25 -34.02
C CYS D 63 -6.13 -18.42 -35.49
N GLY D 64 -7.03 -19.34 -35.77
CA GLY D 64 -7.19 -19.78 -37.18
C GLY D 64 -5.95 -20.53 -37.61
N THR D 65 -5.20 -20.03 -38.62
CA THR D 65 -3.89 -20.58 -39.02
C THR D 65 -2.76 -19.59 -38.67
N TYR D 66 -3.07 -18.52 -37.95
CA TYR D 66 -2.09 -17.45 -37.62
C TYR D 66 -1.47 -17.81 -36.27
N PRO D 67 -0.13 -18.07 -36.23
CA PRO D 67 0.52 -18.45 -34.98
C PRO D 67 0.81 -17.26 -34.05
N VAL D 68 0.40 -17.42 -32.79
CA VAL D 68 0.69 -16.47 -31.70
C VAL D 68 1.66 -17.22 -30.77
N ILE D 69 2.90 -16.72 -30.69
CA ILE D 69 3.99 -17.34 -29.88
C ILE D 69 3.94 -16.60 -28.55
N HIS D 70 3.36 -17.19 -27.52
CA HIS D 70 3.28 -16.54 -26.19
C HIS D 70 4.62 -16.71 -25.48
N ALA D 71 5.36 -15.62 -25.29
CA ALA D 71 6.73 -15.66 -24.72
C ALA D 71 6.66 -14.98 -23.36
N VAL D 72 7.09 -15.67 -22.30
CA VAL D 72 6.93 -15.15 -20.93
C VAL D 72 8.30 -14.61 -20.42
N GLY D 73 8.48 -13.32 -20.55
CA GLY D 73 9.69 -12.67 -19.98
C GLY D 73 9.52 -12.57 -18.48
N PRO D 74 10.62 -12.47 -17.72
CA PRO D 74 10.51 -12.29 -16.31
C PRO D 74 10.04 -10.89 -15.91
N ASN D 75 9.31 -10.84 -14.80
CA ASN D 75 8.96 -9.57 -14.12
C ASN D 75 10.11 -9.20 -13.17
N PHE D 76 10.87 -8.17 -13.54
CA PHE D 76 12.03 -7.73 -12.72
C PHE D 76 11.67 -7.13 -11.36
N SER D 77 10.38 -6.90 -11.08
CA SER D 77 9.89 -6.62 -9.70
C SER D 77 9.94 -7.87 -8.82
N ASN D 78 10.04 -9.07 -9.42
CA ASN D 78 10.06 -10.34 -8.66
C ASN D 78 11.45 -10.97 -8.65
N TYR D 79 12.18 -10.86 -9.77
CA TYR D 79 13.45 -11.54 -10.04
C TYR D 79 14.59 -10.59 -9.66
N THR D 80 15.69 -11.15 -9.17
CA THR D 80 16.98 -10.42 -9.14
C THR D 80 17.46 -10.07 -10.54
N GLU D 81 18.37 -9.09 -10.65
CA GLU D 81 18.95 -8.80 -11.97
C GLU D 81 19.59 -10.04 -12.57
N SER D 82 20.32 -10.83 -11.76
CA SER D 82 21.06 -12.00 -12.24
C SER D 82 20.07 -13.08 -12.73
N GLU D 83 19.10 -13.46 -11.91
CA GLU D 83 18.17 -14.57 -12.31
C GLU D 83 17.25 -14.10 -13.45
N GLY D 84 16.86 -12.84 -13.43
CA GLY D 84 16.02 -12.24 -14.49
C GLY D 84 16.73 -12.21 -15.81
N ASP D 85 18.03 -11.86 -15.82
CA ASP D 85 18.76 -11.82 -17.09
C ASP D 85 18.73 -13.19 -17.75
N ARG D 86 18.91 -14.25 -16.94
CA ARG D 86 18.95 -15.65 -17.42
C ARG D 86 17.58 -15.96 -18.06
N GLU D 87 16.51 -15.59 -17.38
CA GLU D 87 15.14 -15.97 -17.84
C GLU D 87 14.75 -15.14 -19.07
N LEU D 88 15.25 -13.92 -19.21
CA LEU D 88 14.97 -13.09 -20.40
C LEU D 88 15.67 -13.71 -21.59
N ALA D 89 16.95 -14.09 -21.45
CA ALA D 89 17.68 -14.82 -22.49
C ALA D 89 16.91 -16.07 -22.93
N ALA D 90 16.42 -16.85 -21.97
CA ALA D 90 15.73 -18.15 -22.20
C ALA D 90 14.41 -17.90 -22.96
N ALA D 91 13.64 -16.90 -22.58
CA ALA D 91 12.38 -16.60 -23.30
C ALA D 91 12.68 -16.36 -24.79
N TYR D 92 13.63 -15.51 -25.12
CA TYR D 92 13.98 -15.25 -26.53
C TYR D 92 14.52 -16.50 -27.25
N ARG D 93 15.38 -17.28 -26.57
CA ARG D 93 15.89 -18.57 -27.09
C ARG D 93 14.70 -19.45 -27.51
N GLU D 94 13.67 -19.55 -26.67
CA GLU D 94 12.50 -20.40 -26.94
C GLU D 94 11.66 -19.79 -28.09
N VAL D 95 11.57 -18.48 -28.18
CA VAL D 95 10.90 -17.77 -29.33
C VAL D 95 11.63 -18.22 -30.62
N ALA D 96 12.97 -18.14 -30.66
CA ALA D 96 13.75 -18.46 -31.88
C ALA D 96 13.45 -19.90 -32.32
N LYS D 97 13.40 -20.84 -31.36
CA LYS D 97 13.16 -22.28 -31.62
C LYS D 97 11.77 -22.46 -32.24
N GLU D 98 10.76 -21.75 -31.72
CA GLU D 98 9.38 -21.79 -32.32
C GLU D 98 9.37 -21.20 -33.73
N VAL D 99 10.01 -20.06 -33.97
CA VAL D 99 10.05 -19.41 -35.30
C VAL D 99 10.63 -20.43 -36.30
N THR D 100 11.75 -21.07 -35.95
CA THR D 100 12.41 -22.07 -36.83
C THR D 100 11.42 -23.22 -37.09
N ARG D 101 10.84 -23.77 -36.03
CA ARG D 101 9.98 -24.98 -36.08
C ARG D 101 8.76 -24.70 -36.97
N LEU D 102 8.22 -23.49 -36.92
CA LEU D 102 7.02 -23.08 -37.70
C LEU D 102 7.37 -22.87 -39.18
N GLY D 103 8.63 -22.60 -39.49
CA GLY D 103 9.10 -22.41 -40.88
C GLY D 103 8.59 -21.13 -41.49
N VAL D 104 8.26 -20.13 -40.67
CA VAL D 104 7.74 -18.84 -41.18
C VAL D 104 8.87 -18.06 -41.85
N ASN D 105 8.50 -17.12 -42.71
CA ASN D 105 9.43 -16.19 -43.40
C ASN D 105 9.63 -14.93 -42.56
N SER D 106 8.69 -14.60 -41.68
CA SER D 106 8.71 -13.31 -40.94
C SER D 106 8.04 -13.46 -39.57
N VAL D 107 8.40 -12.57 -38.64
CA VAL D 107 7.87 -12.58 -37.25
C VAL D 107 7.85 -11.14 -36.74
N ALA D 108 6.74 -10.76 -36.14
CA ALA D 108 6.53 -9.51 -35.38
C ALA D 108 6.88 -9.80 -33.92
N ILE D 109 7.71 -8.95 -33.31
N ILE D 109 7.79 -9.01 -33.33
CA ILE D 109 8.25 -9.23 -31.95
CA ILE D 109 8.28 -9.21 -31.94
C ILE D 109 8.36 -7.93 -31.16
C ILE D 109 8.27 -7.88 -31.18
N PRO D 110 7.88 -7.92 -29.89
CA PRO D 110 8.05 -6.78 -29.01
C PRO D 110 9.29 -6.97 -28.14
N LEU D 111 9.72 -5.93 -27.44
CA LEU D 111 10.89 -6.05 -26.52
C LEU D 111 10.38 -6.53 -25.15
N LEU D 112 10.60 -7.82 -24.89
CA LEU D 112 10.12 -8.49 -23.68
C LEU D 112 10.70 -7.81 -22.44
N SER D 113 9.91 -7.71 -21.41
CA SER D 113 10.28 -7.25 -20.04
C SER D 113 10.65 -5.75 -20.01
N THR D 114 10.21 -4.95 -21.00
CA THR D 114 10.56 -3.50 -21.07
C THR D 114 9.43 -2.57 -20.63
N GLY D 115 8.24 -3.08 -20.34
CA GLY D 115 7.10 -2.32 -19.82
C GLY D 115 6.84 -2.57 -18.35
N VAL D 116 5.65 -3.06 -17.99
CA VAL D 116 5.27 -3.26 -16.58
C VAL D 116 6.10 -4.40 -15.95
N TYR D 117 6.87 -5.18 -16.74
CA TYR D 117 7.80 -6.21 -16.18
C TYR D 117 9.21 -5.63 -16.03
N SER D 118 9.43 -4.32 -16.25
CA SER D 118 10.80 -3.76 -16.25
C SER D 118 11.33 -3.48 -14.84
N GLY D 119 10.49 -3.55 -13.80
CA GLY D 119 10.87 -3.17 -12.44
C GLY D 119 11.27 -1.70 -12.37
N GLY D 120 10.70 -0.88 -13.26
CA GLY D 120 10.87 0.59 -13.28
C GLY D 120 12.17 1.03 -13.95
N LYS D 121 12.93 0.11 -14.54
CA LYS D 121 14.23 0.38 -15.17
C LYS D 121 14.08 0.40 -16.69
N ASP D 122 14.95 1.15 -17.36
CA ASP D 122 15.10 1.21 -18.83
C ASP D 122 15.88 -0.02 -19.26
N ARG D 123 15.19 -0.98 -19.90
CA ARG D 123 15.77 -2.26 -20.36
C ARG D 123 15.78 -2.37 -21.89
N LEU D 124 15.73 -1.26 -22.63
CA LEU D 124 15.83 -1.34 -24.10
C LEU D 124 17.05 -2.13 -24.55
N THR D 125 18.29 -1.70 -24.19
CA THR D 125 19.54 -2.35 -24.67
C THR D 125 19.61 -3.83 -24.25
N GLN D 126 19.28 -4.09 -23.00
CA GLN D 126 19.30 -5.46 -22.41
C GLN D 126 18.34 -6.36 -23.19
N SER D 127 17.10 -5.90 -23.35
CA SER D 127 16.08 -6.73 -24.06
C SER D 127 16.49 -6.91 -25.54
N LEU D 128 16.87 -5.82 -26.21
CA LEU D 128 17.29 -5.91 -27.64
C LEU D 128 18.52 -6.80 -27.77
N ASN D 129 19.47 -6.78 -26.83
CA ASN D 129 20.67 -7.63 -26.98
C ASN D 129 20.32 -9.12 -26.91
N HIS D 130 19.43 -9.53 -26.00
CA HIS D 130 18.94 -10.93 -25.93
C HIS D 130 18.16 -11.33 -27.21
N LEU D 131 17.35 -10.40 -27.74
CA LEU D 131 16.58 -10.59 -29.00
C LEU D 131 17.55 -10.94 -30.14
N PHE D 132 18.57 -10.11 -30.37
CA PHE D 132 19.56 -10.29 -31.47
C PHE D 132 20.27 -11.64 -31.30
N THR D 133 20.72 -11.96 -30.09
CA THR D 133 21.49 -13.20 -29.80
C THR D 133 20.65 -14.41 -30.19
N ALA D 134 19.36 -14.43 -29.84
CA ALA D 134 18.45 -15.57 -30.09
C ALA D 134 18.07 -15.62 -31.57
N MET D 135 17.64 -14.49 -32.12
CA MET D 135 17.00 -14.45 -33.47
C MET D 135 18.07 -14.55 -34.57
N ASP D 136 19.35 -14.28 -34.26
CA ASP D 136 20.47 -14.44 -35.22
C ASP D 136 20.58 -15.89 -35.69
N SER D 137 20.06 -16.85 -34.91
CA SER D 137 20.10 -18.31 -35.22
C SER D 137 18.97 -18.70 -36.17
N THR D 138 18.05 -17.79 -36.51
CA THR D 138 16.94 -18.02 -37.48
C THR D 138 17.30 -17.44 -38.85
N ASP D 139 16.45 -17.69 -39.86
CA ASP D 139 16.60 -17.11 -41.23
C ASP D 139 15.39 -16.21 -41.55
N ALA D 140 14.62 -15.80 -40.52
CA ALA D 140 13.37 -15.05 -40.68
C ALA D 140 13.64 -13.56 -40.72
N ASP D 141 12.83 -12.83 -41.49
CA ASP D 141 12.72 -11.37 -41.36
C ASP D 141 12.08 -11.09 -40.01
N VAL D 142 12.81 -10.36 -39.17
CA VAL D 142 12.32 -9.95 -37.83
C VAL D 142 11.94 -8.48 -37.87
N VAL D 143 10.73 -8.18 -37.44
CA VAL D 143 10.20 -6.81 -37.35
C VAL D 143 9.83 -6.53 -35.89
N ILE D 144 10.57 -5.60 -35.27
CA ILE D 144 10.39 -5.18 -33.87
C ILE D 144 9.34 -4.08 -33.80
N TYR D 145 8.38 -4.20 -32.89
CA TYR D 145 7.30 -3.20 -32.69
C TYR D 145 7.52 -2.45 -31.38
N CYS D 146 7.44 -1.11 -31.42
CA CYS D 146 7.51 -0.22 -30.23
C CYS D 146 6.44 0.88 -30.36
N ARG D 147 6.21 1.64 -29.28
CA ARG D 147 5.16 2.69 -29.17
C ARG D 147 5.78 4.09 -29.24
N ASP D 148 7.05 4.22 -28.83
CA ASP D 148 7.69 5.51 -28.45
C ASP D 148 8.71 5.95 -29.51
N LYS D 149 8.74 7.24 -29.87
CA LYS D 149 9.59 7.74 -30.99
C LYS D 149 11.08 7.64 -30.61
N GLU D 150 11.42 7.95 -29.35
CA GLU D 150 12.84 7.87 -28.89
C GLU D 150 13.28 6.40 -28.89
N TRP D 151 12.41 5.48 -28.49
CA TRP D 151 12.76 4.02 -28.53
C TRP D 151 12.90 3.58 -29.98
N GLU D 152 11.98 4.01 -30.86
CA GLU D 152 12.07 3.71 -32.31
C GLU D 152 13.46 4.12 -32.81
N LYS D 153 13.87 5.34 -32.49
CA LYS D 153 15.18 5.89 -32.95
C LYS D 153 16.33 5.00 -32.42
N LYS D 154 16.30 4.67 -31.12
CA LYS D 154 17.37 3.89 -30.43
C LYS D 154 17.44 2.47 -30.99
N ILE D 155 16.29 1.81 -31.19
CA ILE D 155 16.28 0.44 -31.78
C ILE D 155 16.87 0.52 -33.19
N SER D 156 16.46 1.51 -33.98
CA SER D 156 16.95 1.70 -35.37
C SER D 156 18.48 1.89 -35.38
N GLU D 157 19.04 2.72 -34.50
CA GLU D 157 20.51 2.93 -34.36
C GLU D 157 21.18 1.60 -34.02
N ALA D 158 20.62 0.81 -33.09
CA ALA D 158 21.19 -0.50 -32.69
C ALA D 158 21.21 -1.47 -33.88
N ILE D 159 20.16 -1.45 -34.72
CA ILE D 159 20.12 -2.31 -35.94
C ILE D 159 21.26 -1.86 -36.88
N GLN D 160 21.32 -0.56 -37.15
CA GLN D 160 22.31 0.07 -38.07
C GLN D 160 23.74 -0.31 -37.63
N MET D 161 24.00 -0.25 -36.31
CA MET D 161 25.37 -0.34 -35.74
C MET D 161 25.92 -1.77 -35.73
N ARG D 162 25.13 -2.80 -36.10
CA ARG D 162 25.62 -4.21 -36.19
C ARG D 162 25.99 -4.58 -37.63
N THR D 163 25.48 -3.86 -38.62
CA THR D 163 25.59 -4.21 -40.05
C THR D 163 27.01 -3.86 -40.53
S DMS E . 3.59 8.21 -0.02
O DMS E . 2.65 7.60 -1.04
C1 DMS E . 2.77 9.59 0.68
C2 DMS E . 4.82 9.10 -0.94
S DMS F . -5.97 23.94 -7.44
O DMS F . -5.15 22.73 -7.84
C1 DMS F . -7.60 23.65 -8.08
C2 DMS F . -5.50 25.22 -8.57
S DMS G . -8.43 30.31 3.18
O DMS G . -9.52 29.52 2.50
C1 DMS G . -8.80 30.31 4.91
C2 DMS G . -8.77 32.02 2.87
C TRS H . -20.21 21.21 -17.71
C1 TRS H . -20.85 20.76 -16.40
C2 TRS H . -19.28 20.14 -18.30
C3 TRS H . -21.30 21.58 -18.72
N TRS H . -19.37 22.42 -17.41
O1 TRS H . -21.68 21.76 -15.82
O2 TRS H . -19.97 18.95 -18.65
O3 TRS H . -20.82 22.31 -19.84
S DMS I . -13.76 3.56 -10.98
O DMS I . -14.56 3.85 -9.74
C1 DMS I . -12.33 4.57 -10.90
C2 DMS I . -14.56 4.46 -12.29
S DMS J . -9.31 24.70 -1.49
O DMS J . -9.92 23.61 -2.37
C1 DMS J . -7.56 24.46 -1.51
C2 DMS J . -9.62 24.16 0.18
S DMS K . -17.08 19.36 13.80
O DMS K . -16.83 17.93 13.80
C1 DMS K . -16.26 20.00 15.28
C2 DMS K . -18.78 19.62 14.25
CL CL L . -9.50 26.08 -4.83
CL CL M . -9.12 26.53 5.12
CL CL N . -1.79 17.91 9.26
S DMS O . -3.14 21.27 12.02
O DMS O . -3.21 21.78 10.60
C1 DMS O . -2.69 19.56 11.92
C2 DMS O . -1.63 21.89 12.74
S DMS P . -0.91 0.07 -4.93
O DMS P . -1.62 0.41 -3.64
C1 DMS P . 0.75 0.68 -4.78
C2 DMS P . -1.46 1.24 -6.14
S DMS Q . 13.15 9.76 21.29
O DMS Q . 12.03 9.83 22.32
C1 DMS Q . 12.41 9.30 19.77
C2 DMS Q . 14.01 8.22 21.59
S DMS R . 11.03 15.77 20.50
O DMS R . 9.89 16.61 20.04
C1 DMS R . 10.80 15.56 22.26
C2 DMS R . 12.33 16.94 20.62
S DMS S . 19.80 6.42 21.03
O DMS S . 18.56 6.70 21.83
C1 DMS S . 20.04 4.65 21.09
C2 DMS S . 21.19 6.88 22.03
CL CL T . 16.22 3.64 20.90
CL CL U . 13.73 12.89 23.48
S DMS V . -6.03 -14.45 8.09
O DMS V . -4.76 -13.86 7.52
C1 DMS V . -6.29 -15.99 7.25
C2 DMS V . -5.61 -15.09 9.69
CL CL W . -12.04 -17.46 5.82
CL CL X . 7.18 -2.29 11.56
CL CL Y . -5.15 -11.25 9.74
S DMS Z . 4.14 -30.77 15.08
O DMS Z . 5.23 -29.80 14.65
C1 DMS Z . 2.84 -30.66 13.90
C2 DMS Z . 3.31 -30.03 16.48
C TRS AA . 12.52 -22.40 -16.27
C1 TRS AA . 12.75 -23.22 -14.99
C2 TRS AA . 13.85 -22.02 -16.91
C3 TRS AA . 11.64 -23.16 -17.27
N TRS AA . 11.83 -21.12 -15.88
O1 TRS AA . 13.37 -22.44 -13.98
O2 TRS AA . 13.71 -21.19 -18.05
O3 TRS AA . 10.48 -23.75 -16.68
S DMS BA . -10.83 -7.92 -33.99
O DMS BA . -9.52 -7.16 -34.00
C1 DMS BA . -11.62 -7.46 -32.46
C2 DMS BA . -10.47 -9.64 -33.64
S DMS CA . 2.21 -8.06 -18.96
O DMS CA . 0.95 -8.80 -19.35
C1 DMS CA . 2.24 -6.52 -19.79
C2 DMS CA . 3.61 -8.84 -19.74
S DMS DA . 1.43 -25.62 -32.53
O DMS DA . 2.28 -24.75 -33.43
C1 DMS DA . 0.06 -24.61 -32.03
C2 DMS DA . 2.26 -25.72 -30.97
CL CL EA . 8.25 1.54 -26.68
CL CL FA . 6.64 -6.04 -20.21
S1 AMT GA . 2.23 -1.67 -27.49
C2 AMT GA . 1.62 -2.45 -28.93
N3 AMT GA . 2.50 -2.61 -29.89
C4 AMT GA . 3.71 -2.10 -29.48
C5 AMT GA . 3.76 -1.56 -28.25
N AMT GA . 0.34 -2.86 -29.00
S1 AMT HA . 1.49 1.13 -30.38
C2 AMT HA . 1.37 2.67 -31.19
N3 AMT HA . 0.17 3.21 -31.17
C4 AMT HA . -0.69 2.39 -30.47
C5 AMT HA . -0.17 1.25 -29.98
N AMT HA . 2.43 3.22 -31.78
S1 AMT IA . 12.44 3.55 -17.26
C2 AMT IA . 11.99 3.44 -18.94
N3 AMT IA . 12.26 4.51 -19.64
C4 AMT IA . 12.85 5.46 -18.83
C5 AMT IA . 13.02 5.13 -17.55
N AMT IA . 11.41 2.34 -19.43
#